data_2X2R
#
_entry.id   2X2R
#
_cell.length_a   96.350
_cell.length_b   96.350
_cell.length_c   124.400
_cell.angle_alpha   90.00
_cell.angle_beta   90.00
_cell.angle_gamma   120.00
#
_symmetry.space_group_name_H-M   'P 32'
#
loop_
_entity.id
_entity.type
_entity.pdbx_description
1 polymer 'KINESIN-LIKE PROTEIN KIF11'
2 non-polymer "ADENOSINE-5'-DIPHOSPHATE"
3 non-polymer '(2R)-2-AMINO-3-[(2R)-2-METHYL-1,1-DIPHENYL-BUTYL]SULFANYL-PROPANOIC ACID'
4 non-polymer 'MAGNESIUM ION'
5 water water
#
_entity_poly.entity_id   1
_entity_poly.type   'polypeptide(L)'
_entity_poly.pdbx_seq_one_letter_code
;MASQPNSSAKKKEEKGKNIQVVVRCRPFNLAERKASAHSIVECDPVRKEVSVRTGGLADKSSRKTYTFDMVFGASTKQID
VYRSVVCPILDEVIMGYNCTIFAYGQTGTGKTFTMEGERSPNEEYTWEEDPLAGIIPRTLHQIFEKLTDNGTEFSVKVSL
LEIYNEELFDLLNPSSDVSERLQMFDDPRNKRGVIIKGLEEITVHNKDEVYQILEKGAAKRTTAATLMNAYSSRSHSVFS
VTIHMKETTIDGEELVKIGKLNLVDLAGSENIGRSGAVDKRAREAGNINQSLLTLGRVITALVERTPHVPYRESKLTRIL
QDSLGGRTRTSIIATISPASLNLEETLSTLEYAHRAKNILNKPEVNQK
;
_entity_poly.pdbx_strand_id   A,B,C
#
# COMPACT_ATOMS: atom_id res chain seq x y z
N LYS A 17 -12.31 -30.29 29.26
CA LYS A 17 -11.06 -30.67 28.58
C LYS A 17 -10.42 -29.48 27.84
N ASN A 18 -9.29 -29.02 28.34
CA ASN A 18 -8.63 -27.82 27.80
C ASN A 18 -8.01 -28.00 26.42
N ILE A 19 -8.16 -26.95 25.61
CA ILE A 19 -7.48 -26.89 24.33
C ILE A 19 -5.97 -27.05 24.59
N GLN A 20 -5.34 -27.94 23.85
CA GLN A 20 -3.90 -28.11 23.96
C GLN A 20 -3.18 -27.18 23.02
N VAL A 21 -2.16 -26.50 23.54
CA VAL A 21 -1.37 -25.56 22.77
C VAL A 21 0.10 -25.97 22.74
N VAL A 22 0.67 -26.05 21.54
CA VAL A 22 2.09 -26.34 21.41
C VAL A 22 2.74 -25.19 20.65
N VAL A 23 4.05 -25.05 20.79
CA VAL A 23 4.77 -24.01 20.06
C VAL A 23 5.83 -24.64 19.17
N ARG A 24 5.93 -24.15 17.93
CA ARG A 24 7.02 -24.59 17.07
C ARG A 24 7.84 -23.43 16.55
N CYS A 25 9.12 -23.43 16.89
CA CYS A 25 10.03 -22.43 16.41
C CYS A 25 10.78 -22.96 15.19
N ARG A 26 10.80 -22.20 14.10
CA ARG A 26 11.54 -22.61 12.92
C ARG A 26 13.01 -22.24 13.02
N PRO A 27 13.86 -22.88 12.20
CA PRO A 27 15.28 -22.49 12.15
C PRO A 27 15.39 -21.18 11.41
N PHE A 28 16.54 -20.53 11.53
CA PHE A 28 16.86 -19.35 10.74
C PHE A 28 16.83 -19.69 9.24
N ASN A 29 16.44 -18.72 8.42
CA ASN A 29 16.56 -18.85 6.96
C ASN A 29 17.82 -18.12 6.46
N LEU A 30 18.09 -18.20 5.16
CA LEU A 30 19.33 -17.65 4.62
C LEU A 30 19.41 -16.12 4.79
N ALA A 31 18.33 -15.42 4.46
CA ALA A 31 18.30 -13.97 4.59
C ALA A 31 18.58 -13.50 6.03
N GLU A 32 18.02 -14.21 7.01
CA GLU A 32 18.33 -13.93 8.41
C GLU A 32 19.81 -14.14 8.72
N ARG A 33 20.37 -15.27 8.28
CA ARG A 33 21.79 -15.51 8.44
C ARG A 33 22.66 -14.44 7.76
N LYS A 34 22.29 -14.01 6.55
CA LYS A 34 23.03 -12.95 5.88
C LYS A 34 22.91 -11.60 6.58
N ALA A 35 21.83 -11.41 7.33
CA ALA A 35 21.64 -10.18 8.09
C ALA A 35 22.27 -10.30 9.49
N SER A 36 23.06 -11.35 9.70
CA SER A 36 23.66 -11.65 11.01
C SER A 36 22.63 -11.63 12.15
N ALA A 37 21.47 -12.23 11.92
CA ALA A 37 20.37 -12.27 12.90
C ALA A 37 20.75 -12.98 14.20
N HIS A 38 20.42 -12.39 15.35
CA HIS A 38 20.61 -13.08 16.64
C HIS A 38 19.33 -13.79 17.07
N SER A 39 19.49 -14.92 17.73
CA SER A 39 18.36 -15.60 18.34
C SER A 39 17.88 -14.91 19.61
N ILE A 40 16.55 -14.86 19.79
CA ILE A 40 15.97 -14.40 21.04
C ILE A 40 15.03 -15.44 21.64
N VAL A 41 15.08 -16.65 21.09
CA VAL A 41 14.19 -17.71 21.54
C VAL A 41 14.95 -18.92 22.03
N GLU A 42 14.63 -19.37 23.25
CA GLU A 42 15.15 -20.63 23.76
C GLU A 42 13.99 -21.55 24.07
N CYS A 43 14.03 -22.74 23.48
CA CYS A 43 13.02 -23.76 23.72
C CYS A 43 13.58 -24.88 24.59
N ASP A 44 12.85 -25.26 25.63
CA ASP A 44 13.24 -26.36 26.49
C ASP A 44 12.16 -27.42 26.40
N PRO A 45 12.35 -28.41 25.51
CA PRO A 45 11.32 -29.44 25.26
C PRO A 45 10.98 -30.23 26.51
N VAL A 46 11.96 -30.45 27.38
CA VAL A 46 11.74 -31.23 28.59
C VAL A 46 10.91 -30.49 29.64
N ARG A 47 11.20 -29.20 29.83
CA ARG A 47 10.35 -28.38 30.70
C ARG A 47 9.12 -27.87 29.96
N LYS A 48 9.07 -28.11 28.65
CA LYS A 48 7.99 -27.56 27.83
C LYS A 48 7.89 -26.05 27.96
N GLU A 49 9.03 -25.37 27.86
CA GLU A 49 9.06 -23.93 28.04
C GLU A 49 9.65 -23.26 26.82
N VAL A 50 9.20 -22.05 26.57
CA VAL A 50 9.80 -21.18 25.60
C VAL A 50 10.17 -19.93 26.37
N SER A 51 11.40 -19.47 26.23
CA SER A 51 11.81 -18.27 26.93
C SER A 51 12.33 -17.28 25.91
N VAL A 52 11.77 -16.08 25.87
CA VAL A 52 12.24 -15.13 24.88
C VAL A 52 12.97 -13.96 25.50
N ARG A 53 14.08 -13.59 24.86
CA ARG A 53 14.98 -12.53 25.32
C ARG A 53 14.45 -11.18 24.80
N THR A 54 14.06 -10.30 25.71
CA THR A 54 13.21 -9.17 25.34
C THR A 54 13.88 -7.80 25.39
N GLY A 55 15.08 -7.74 25.95
CA GLY A 55 15.67 -6.45 26.29
C GLY A 55 16.72 -5.93 25.34
N GLY A 56 17.01 -6.67 24.29
CA GLY A 56 17.91 -6.20 23.23
C GLY A 56 19.28 -5.79 23.75
N LEU A 57 19.69 -4.57 23.40
CA LEU A 57 20.99 -4.05 23.78
C LEU A 57 20.93 -3.45 25.17
N ALA A 58 19.73 -3.11 25.63
CA ALA A 58 19.59 -2.32 26.84
C ALA A 58 19.62 -3.15 28.11
N ASP A 59 19.01 -4.33 28.06
CA ASP A 59 18.81 -5.15 29.24
C ASP A 59 19.00 -6.59 28.84
N LYS A 60 20.21 -7.09 29.07
CA LYS A 60 20.59 -8.43 28.63
C LYS A 60 19.87 -9.56 29.38
N SER A 61 19.29 -9.27 30.55
CA SER A 61 18.74 -10.34 31.37
C SER A 61 17.21 -10.58 31.28
N SER A 62 16.46 -9.57 30.85
CA SER A 62 15.00 -9.69 30.80
CA SER A 62 15.01 -9.70 30.81
C SER A 62 14.55 -10.82 29.86
N ARG A 63 13.58 -11.59 30.32
CA ARG A 63 13.00 -12.67 29.54
C ARG A 63 11.51 -12.69 29.80
N LYS A 64 10.78 -13.35 28.90
CA LYS A 64 9.43 -13.79 29.17
C LYS A 64 9.41 -15.27 28.85
N THR A 65 8.92 -16.05 29.81
CA THR A 65 8.92 -17.49 29.74
C THR A 65 7.51 -18.01 29.80
N TYR A 66 7.22 -19.04 29.00
CA TYR A 66 5.86 -19.59 28.95
C TYR A 66 5.95 -21.11 28.96
N THR A 67 5.00 -21.76 29.64
CA THR A 67 4.89 -23.20 29.59
C THR A 67 3.73 -23.56 28.65
N PHE A 68 3.93 -24.55 27.81
CA PHE A 68 2.88 -24.95 26.87
C PHE A 68 2.71 -26.44 27.01
N ASP A 69 1.78 -27.04 26.29
CA ASP A 69 1.61 -28.49 26.36
C ASP A 69 2.75 -29.24 25.68
N MET A 70 3.31 -28.64 24.62
CA MET A 70 4.56 -29.15 24.04
C MET A 70 5.34 -27.99 23.43
N VAL A 71 6.66 -28.15 23.36
CA VAL A 71 7.54 -27.15 22.75
C VAL A 71 8.53 -27.79 21.80
N PHE A 72 8.55 -27.27 20.57
CA PHE A 72 9.40 -27.82 19.53
C PHE A 72 10.40 -26.75 19.13
N GLY A 73 11.68 -27.08 19.24
CA GLY A 73 12.72 -26.14 18.92
C GLY A 73 13.08 -26.17 17.45
N ALA A 74 14.03 -25.33 17.06
CA ALA A 74 14.40 -25.19 15.67
C ALA A 74 14.78 -26.49 14.98
N SER A 75 15.24 -27.49 15.75
CA SER A 75 15.69 -28.73 15.11
C SER A 75 14.57 -29.76 14.94
N THR A 76 13.36 -29.44 15.39
CA THR A 76 12.24 -30.36 15.26
C THR A 76 11.89 -30.61 13.80
N LYS A 77 11.75 -31.88 13.43
CA LYS A 77 11.45 -32.25 12.06
C LYS A 77 9.98 -32.58 11.85
N GLN A 78 9.55 -32.57 10.58
CA GLN A 78 8.15 -32.82 10.24
C GLN A 78 7.64 -34.08 10.92
N ILE A 79 8.41 -35.16 10.82
CA ILE A 79 8.09 -36.45 11.45
C ILE A 79 7.94 -36.37 12.98
N ASP A 80 8.76 -35.55 13.64
CA ASP A 80 8.59 -35.33 15.08
C ASP A 80 7.21 -34.72 15.42
N VAL A 81 6.79 -33.70 14.67
CA VAL A 81 5.49 -33.08 14.92
C VAL A 81 4.42 -34.13 14.74
N TYR A 82 4.55 -34.93 13.70
CA TYR A 82 3.51 -35.91 13.42
C TYR A 82 3.37 -36.94 14.53
N ARG A 83 4.50 -37.48 14.98
CA ARG A 83 4.50 -38.50 16.02
C ARG A 83 3.98 -37.98 17.35
N SER A 84 4.43 -36.79 17.73
CA SER A 84 4.07 -36.19 19.02
C SER A 84 2.64 -35.73 19.08
N VAL A 85 2.22 -35.04 18.01
CA VAL A 85 0.97 -34.29 18.04
C VAL A 85 -0.13 -34.99 17.28
N VAL A 86 0.16 -35.33 16.03
CA VAL A 86 -0.89 -35.76 15.13
C VAL A 86 -1.38 -37.18 15.41
N CYS A 87 -0.44 -38.12 15.56
CA CYS A 87 -0.82 -39.50 15.80
CA CYS A 87 -0.79 -39.51 15.80
C CYS A 87 -1.84 -39.64 16.92
N PRO A 88 -1.56 -39.05 18.09
CA PRO A 88 -2.60 -39.15 19.12
C PRO A 88 -3.94 -38.57 18.67
N ILE A 89 -3.93 -37.46 17.93
CA ILE A 89 -5.17 -36.83 17.51
C ILE A 89 -5.91 -37.76 16.55
N LEU A 90 -5.19 -38.27 15.55
CA LEU A 90 -5.79 -39.17 14.57
C LEU A 90 -6.45 -40.39 15.23
N ASP A 91 -5.76 -41.05 16.17
CA ASP A 91 -6.34 -42.20 16.87
C ASP A 91 -7.67 -41.83 17.51
N GLU A 92 -7.81 -40.60 17.98
CA GLU A 92 -9.08 -40.18 18.55
C GLU A 92 -10.16 -40.00 17.46
N VAL A 93 -9.75 -39.48 16.31
CA VAL A 93 -10.65 -39.31 15.18
C VAL A 93 -11.17 -40.67 14.74
N ILE A 94 -10.28 -41.64 14.71
CA ILE A 94 -10.61 -43.01 14.31
C ILE A 94 -11.53 -43.71 15.32
N MET A 95 -11.44 -43.30 16.58
CA MET A 95 -12.38 -43.74 17.61
C MET A 95 -13.77 -43.15 17.40
N GLY A 96 -13.89 -42.29 16.39
CA GLY A 96 -15.17 -41.68 16.07
C GLY A 96 -15.41 -40.33 16.71
N TYR A 97 -14.34 -39.60 17.01
CA TYR A 97 -14.47 -38.24 17.54
C TYR A 97 -14.17 -37.17 16.48
N ASN A 98 -14.51 -35.92 16.77
CA ASN A 98 -14.11 -34.81 15.91
C ASN A 98 -12.94 -34.07 16.52
N CYS A 99 -11.93 -33.80 15.70
CA CYS A 99 -10.76 -33.07 16.18
C CYS A 99 -10.40 -31.97 15.22
N THR A 100 -9.83 -30.90 15.76
CA THR A 100 -9.32 -29.78 14.98
C THR A 100 -7.89 -29.44 15.43
N ILE A 101 -7.01 -29.23 14.44
CA ILE A 101 -5.71 -28.63 14.68
C ILE A 101 -5.62 -27.38 13.83
N PHE A 102 -5.31 -26.23 14.44
CA PHE A 102 -5.00 -25.06 13.61
C PHE A 102 -3.64 -24.41 13.90
N ALA A 103 -3.03 -23.84 12.86
CA ALA A 103 -1.72 -23.19 12.98
C ALA A 103 -1.93 -21.69 13.07
N TYR A 104 -1.32 -21.08 14.09
CA TYR A 104 -1.46 -19.64 14.34
C TYR A 104 -0.08 -19.00 14.45
N GLY A 105 0.10 -17.87 13.78
CA GLY A 105 1.38 -17.21 13.82
C GLY A 105 1.65 -16.27 12.66
N GLN A 106 2.77 -15.57 12.79
CA GLN A 106 3.15 -14.54 11.85
C GLN A 106 3.43 -15.15 10.48
N THR A 107 3.10 -14.43 9.42
CA THR A 107 3.51 -14.84 8.07
C THR A 107 5.02 -15.08 8.04
N GLY A 108 5.43 -16.20 7.47
CA GLY A 108 6.83 -16.54 7.38
C GLY A 108 7.35 -17.43 8.50
N THR A 109 6.50 -17.84 9.44
CA THR A 109 6.99 -18.63 10.59
C THR A 109 6.84 -20.15 10.46
N GLY A 110 6.07 -20.59 9.47
CA GLY A 110 5.92 -22.02 9.21
C GLY A 110 4.53 -22.60 9.40
N LYS A 111 3.49 -21.78 9.36
CA LYS A 111 2.14 -22.33 9.47
C LYS A 111 1.86 -23.31 8.34
N THR A 112 2.16 -22.91 7.11
CA THR A 112 1.90 -23.75 5.94
C THR A 112 2.90 -24.90 5.87
N PHE A 113 4.16 -24.64 6.23
CA PHE A 113 5.16 -25.68 6.30
C PHE A 113 4.68 -26.76 7.26
N THR A 114 4.15 -26.35 8.40
CA THR A 114 3.65 -27.32 9.37
C THR A 114 2.40 -28.08 8.92
N MET A 115 1.39 -27.36 8.45
CA MET A 115 0.09 -27.97 8.11
C MET A 115 0.11 -28.77 6.81
N GLU A 116 0.91 -28.33 5.85
CA GLU A 116 0.94 -28.97 4.54
C GLU A 116 2.31 -29.55 4.23
N GLY A 117 3.36 -28.76 4.45
CA GLY A 117 4.71 -29.13 4.07
C GLY A 117 5.04 -28.69 2.66
N GLU A 118 6.15 -29.22 2.14
CA GLU A 118 6.63 -28.91 0.80
C GLU A 118 7.18 -30.18 0.16
N ARG A 119 7.46 -30.11 -1.13
CA ARG A 119 8.13 -31.22 -1.82
C ARG A 119 9.63 -30.98 -1.89
N SER A 120 10.41 -31.96 -1.46
CA SER A 120 11.85 -31.88 -1.64
C SER A 120 12.11 -31.97 -3.13
N PRO A 121 13.11 -31.24 -3.58
CA PRO A 121 13.47 -31.14 -4.98
C PRO A 121 14.10 -32.37 -5.58
N ASN A 122 14.15 -32.34 -6.88
CA ASN A 122 14.51 -33.53 -7.59
C ASN A 122 13.40 -34.42 -7.18
N GLU A 123 13.42 -35.68 -7.52
CA GLU A 123 12.20 -36.41 -7.31
C GLU A 123 12.50 -37.44 -6.28
N GLU A 124 13.33 -37.03 -5.35
CA GLU A 124 14.23 -37.97 -4.70
C GLU A 124 13.58 -38.73 -3.55
N TYR A 125 12.34 -38.38 -3.23
CA TYR A 125 11.50 -39.19 -2.34
C TYR A 125 10.11 -39.35 -2.93
N THR A 126 9.43 -40.41 -2.54
CA THR A 126 7.99 -40.52 -2.77
C THR A 126 7.29 -39.51 -1.84
N TRP A 127 6.08 -39.09 -2.19
CA TRP A 127 5.40 -38.09 -1.36
C TRP A 127 5.18 -38.61 0.04
N GLU A 128 5.03 -39.93 0.17
CA GLU A 128 4.71 -40.52 1.45
C GLU A 128 5.95 -40.66 2.34
N GLU A 129 7.13 -40.50 1.75
CA GLU A 129 8.39 -40.61 2.49
C GLU A 129 9.16 -39.30 2.47
N ASP A 130 8.60 -38.26 1.87
CA ASP A 130 9.28 -36.96 1.78
C ASP A 130 9.41 -36.36 3.17
N PRO A 131 10.64 -36.02 3.57
CA PRO A 131 10.86 -35.52 4.93
C PRO A 131 10.22 -34.15 5.12
N LEU A 132 9.96 -33.42 4.02
CA LEU A 132 9.37 -32.08 4.12
C LEU A 132 7.84 -32.07 4.10
N ALA A 133 7.23 -33.25 3.99
CA ALA A 133 5.78 -33.35 3.97
C ALA A 133 5.25 -33.00 5.35
N GLY A 134 4.12 -32.28 5.39
CA GLY A 134 3.56 -31.81 6.63
C GLY A 134 2.38 -32.63 7.12
N ILE A 135 1.52 -32.00 7.91
CA ILE A 135 0.49 -32.75 8.62
C ILE A 135 -0.59 -33.39 7.73
N ILE A 136 -1.06 -32.66 6.72
CA ILE A 136 -2.13 -33.16 5.85
C ILE A 136 -1.75 -34.48 5.09
N PRO A 137 -0.65 -34.47 4.33
CA PRO A 137 -0.32 -35.70 3.60
C PRO A 137 0.03 -36.89 4.50
N ARG A 138 0.73 -36.65 5.62
CA ARG A 138 1.04 -37.72 6.55
C ARG A 138 -0.23 -38.28 7.17
N THR A 139 -1.18 -37.41 7.46
CA THR A 139 -2.45 -37.83 8.05
C THR A 139 -3.21 -38.74 7.10
N LEU A 140 -3.29 -38.33 5.85
CA LEU A 140 -4.03 -39.11 4.86
C LEU A 140 -3.33 -40.45 4.62
N HIS A 141 -2.02 -40.41 4.48
CA HIS A 141 -1.25 -41.64 4.32
C HIS A 141 -1.50 -42.57 5.49
N GLN A 142 -1.49 -42.03 6.70
CA GLN A 142 -1.69 -42.86 7.89
C GLN A 142 -3.10 -43.41 8.01
N ILE A 143 -4.10 -42.63 7.62
CA ILE A 143 -5.47 -43.12 7.66
C ILE A 143 -5.57 -44.44 6.91
N PHE A 144 -4.98 -44.48 5.73
CA PHE A 144 -5.01 -45.70 4.93
C PHE A 144 -4.15 -46.83 5.51
N GLU A 145 -2.95 -46.52 5.99
CA GLU A 145 -2.12 -47.55 6.63
C GLU A 145 -2.85 -48.18 7.80
N LYS A 146 -3.48 -47.34 8.62
CA LYS A 146 -4.09 -47.77 9.88
C LYS A 146 -5.34 -48.61 9.67
N LEU A 147 -6.12 -48.28 8.65
CA LEU A 147 -7.43 -48.91 8.48
C LEU A 147 -7.50 -49.96 7.38
N THR A 148 -6.65 -49.84 6.37
CA THR A 148 -6.71 -50.77 5.24
C THR A 148 -6.49 -52.20 5.72
N ASP A 149 -7.46 -53.06 5.39
CA ASP A 149 -7.39 -54.50 5.67
C ASP A 149 -7.39 -54.85 7.15
N ASN A 150 -7.56 -53.87 8.03
CA ASN A 150 -7.59 -54.15 9.46
CA ASN A 150 -7.59 -54.15 9.46
C ASN A 150 -9.00 -54.48 9.91
N GLY A 151 -9.81 -54.96 8.96
CA GLY A 151 -11.17 -55.39 9.24
C GLY A 151 -12.18 -54.32 8.87
N THR A 152 -11.86 -53.09 9.22
CA THR A 152 -12.75 -51.94 8.98
C THR A 152 -13.21 -51.87 7.53
N GLU A 153 -14.52 -51.78 7.34
CA GLU A 153 -15.05 -51.26 6.10
C GLU A 153 -15.07 -49.75 6.35
N PHE A 154 -14.42 -48.98 5.48
CA PHE A 154 -14.26 -47.55 5.75
C PHE A 154 -14.16 -46.72 4.49
N SER A 155 -14.63 -45.48 4.57
CA SER A 155 -14.47 -44.54 3.47
C SER A 155 -13.88 -43.21 3.95
N VAL A 156 -13.13 -42.56 3.06
CA VAL A 156 -12.48 -41.31 3.38
C VAL A 156 -12.90 -40.26 2.38
N LYS A 157 -13.34 -39.11 2.88
CA LYS A 157 -13.62 -38.01 1.98
C LYS A 157 -12.97 -36.72 2.46
N VAL A 158 -12.54 -35.90 1.51
CA VAL A 158 -11.77 -34.72 1.83
C VAL A 158 -12.35 -33.52 1.15
N SER A 159 -12.17 -32.37 1.77
CA SER A 159 -12.49 -31.11 1.13
C SER A 159 -11.42 -30.09 1.54
N LEU A 160 -11.26 -29.07 0.72
CA LEU A 160 -10.30 -28.02 0.99
C LEU A 160 -10.86 -26.70 0.49
N LEU A 161 -11.22 -25.84 1.42
CA LEU A 161 -11.73 -24.52 1.09
C LEU A 161 -10.81 -23.45 1.66
N GLU A 162 -10.85 -22.25 1.08
CA GLU A 162 -10.08 -21.13 1.60
C GLU A 162 -10.97 -19.91 1.74
N ILE A 163 -10.69 -19.14 2.82
CA ILE A 163 -11.43 -17.94 3.14
C ILE A 163 -10.49 -16.76 2.88
N TYR A 164 -10.96 -15.83 2.06
CA TYR A 164 -10.17 -14.65 1.74
C TYR A 164 -11.15 -13.50 1.59
N ASN A 165 -10.99 -12.47 2.43
CA ASN A 165 -11.88 -11.32 2.36
C ASN A 165 -13.32 -11.76 2.67
N GLU A 166 -13.46 -12.76 3.54
CA GLU A 166 -14.77 -13.33 3.86
C GLU A 166 -15.49 -13.97 2.65
N GLU A 167 -14.77 -14.25 1.56
CA GLU A 167 -15.34 -15.04 0.46
C GLU A 167 -14.76 -16.43 0.54
N LEU A 168 -15.51 -17.40 -0.01
CA LEU A 168 -15.13 -18.82 0.15
C LEU A 168 -14.86 -19.48 -1.19
N PHE A 169 -13.63 -19.98 -1.35
CA PHE A 169 -13.22 -20.61 -2.58
C PHE A 169 -12.97 -22.12 -2.36
N ASP A 170 -13.15 -22.93 -3.41
CA ASP A 170 -13.07 -24.39 -3.31
C ASP A 170 -11.89 -24.90 -4.12
N LEU A 171 -10.80 -25.25 -3.44
CA LEU A 171 -9.59 -25.65 -4.13
C LEU A 171 -9.72 -27.01 -4.84
N LEU A 172 -10.65 -27.85 -4.40
CA LEU A 172 -10.78 -29.20 -5.00
C LEU A 172 -11.94 -29.29 -6.01
N ASN A 173 -12.60 -28.17 -6.26
CA ASN A 173 -13.73 -28.16 -7.16
C ASN A 173 -13.32 -28.49 -8.61
N PRO A 174 -14.14 -29.32 -9.29
CA PRO A 174 -13.91 -29.61 -10.71
C PRO A 174 -14.03 -28.35 -11.58
N SER A 175 -14.70 -27.32 -11.09
CA SER A 175 -14.74 -26.06 -11.84
C SER A 175 -13.32 -25.57 -12.06
N SER A 176 -13.01 -25.17 -13.29
CA SER A 176 -11.65 -24.77 -13.64
C SER A 176 -11.34 -23.34 -13.18
N ASP A 177 -12.36 -22.59 -12.77
CA ASP A 177 -12.17 -21.22 -12.30
C ASP A 177 -12.18 -21.16 -10.77
N VAL A 178 -11.01 -20.97 -10.16
CA VAL A 178 -10.90 -20.93 -8.70
C VAL A 178 -11.76 -19.85 -8.03
N SER A 179 -12.11 -18.82 -8.78
CA SER A 179 -12.86 -17.72 -8.18
C SER A 179 -14.36 -18.00 -7.99
N GLU A 180 -14.85 -19.15 -8.45
CA GLU A 180 -16.27 -19.44 -8.26
C GLU A 180 -16.52 -19.63 -6.77
N ARG A 181 -17.48 -18.89 -6.22
CA ARG A 181 -17.61 -18.77 -4.77
C ARG A 181 -18.61 -19.70 -4.12
N LEU A 182 -18.28 -20.13 -2.91
CA LEU A 182 -19.16 -20.95 -2.11
C LEU A 182 -20.07 -20.05 -1.31
N GLN A 183 -21.04 -20.65 -0.64
CA GLN A 183 -21.87 -19.90 0.29
C GLN A 183 -22.10 -20.72 1.57
N MET A 184 -22.14 -20.04 2.70
CA MET A 184 -22.24 -20.70 4.00
C MET A 184 -23.63 -20.50 4.59
N PHE A 185 -24.21 -21.54 5.18
CA PHE A 185 -25.48 -21.44 5.91
C PHE A 185 -25.37 -22.17 7.24
N ASP A 186 -26.22 -21.84 8.20
CA ASP A 186 -26.33 -22.69 9.38
C ASP A 186 -26.81 -24.07 8.96
N ASP A 187 -26.39 -25.09 9.70
CA ASP A 187 -26.81 -26.45 9.44
C ASP A 187 -27.98 -26.79 10.36
N PRO A 188 -29.18 -26.95 9.77
CA PRO A 188 -30.39 -27.19 10.57
C PRO A 188 -30.26 -28.42 11.44
N ARG A 189 -29.44 -29.40 11.05
CA ARG A 189 -29.32 -30.62 11.85
C ARG A 189 -28.23 -30.58 12.93
N ASN A 190 -27.25 -29.70 12.78
CA ASN A 190 -26.15 -29.58 13.75
C ASN A 190 -26.01 -28.16 14.30
N LYS A 191 -26.41 -27.97 15.56
CA LYS A 191 -26.54 -26.65 16.18
C LYS A 191 -25.32 -25.69 16.19
N ARG A 192 -24.12 -26.25 16.07
CA ARG A 192 -22.91 -25.43 15.96
C ARG A 192 -22.28 -25.56 14.58
N GLY A 193 -22.99 -26.19 13.66
CA GLY A 193 -22.43 -26.58 12.39
C GLY A 193 -22.89 -25.68 11.27
N VAL A 194 -22.14 -25.72 10.17
CA VAL A 194 -22.55 -24.99 9.00
C VAL A 194 -22.58 -25.92 7.80
N ILE A 195 -23.18 -25.44 6.73
CA ILE A 195 -23.17 -26.15 5.46
C ILE A 195 -22.41 -25.26 4.51
N ILE A 196 -21.43 -25.80 3.82
CA ILE A 196 -20.74 -25.04 2.79
C ILE A 196 -21.36 -25.38 1.43
N LYS A 197 -22.33 -24.59 1.01
CA LYS A 197 -23.07 -24.85 -0.23
C LYS A 197 -22.16 -24.85 -1.46
N GLY A 198 -22.12 -25.98 -2.16
CA GLY A 198 -21.31 -26.11 -3.36
C GLY A 198 -19.97 -26.77 -3.10
N LEU A 199 -19.68 -27.10 -1.85
CA LEU A 199 -18.35 -27.62 -1.53
C LEU A 199 -18.14 -29.02 -2.11
N GLU A 200 -17.04 -29.18 -2.83
CA GLU A 200 -16.73 -30.47 -3.41
C GLU A 200 -16.06 -31.31 -2.33
N GLU A 201 -16.68 -32.45 -2.03
CA GLU A 201 -16.08 -33.47 -1.16
C GLU A 201 -15.66 -34.65 -1.99
N ILE A 202 -14.35 -34.88 -2.07
CA ILE A 202 -13.81 -35.95 -2.89
C ILE A 202 -13.61 -37.23 -2.10
N THR A 203 -14.23 -38.31 -2.57
CA THR A 203 -14.01 -39.62 -1.98
C THR A 203 -12.63 -40.11 -2.39
N VAL A 204 -11.78 -40.39 -1.40
CA VAL A 204 -10.45 -40.89 -1.66
C VAL A 204 -10.48 -42.41 -1.43
N HIS A 205 -10.35 -43.18 -2.50
CA HIS A 205 -10.60 -44.61 -2.42
C HIS A 205 -9.40 -45.35 -1.88
N ASN A 206 -8.22 -44.86 -2.21
CA ASN A 206 -6.99 -45.46 -1.73
C ASN A 206 -5.91 -44.38 -1.66
N LYS A 207 -4.80 -44.70 -1.02
CA LYS A 207 -3.76 -43.69 -0.82
C LYS A 207 -3.10 -43.30 -2.14
N ASP A 208 -3.24 -44.14 -3.16
CA ASP A 208 -2.61 -43.84 -4.44
C ASP A 208 -3.36 -42.73 -5.18
N GLU A 209 -4.50 -42.32 -4.64
CA GLU A 209 -5.26 -41.21 -5.19
C GLU A 209 -4.95 -39.88 -4.47
N VAL A 210 -4.23 -39.95 -3.35
CA VAL A 210 -4.07 -38.81 -2.47
C VAL A 210 -3.29 -37.65 -3.09
N TYR A 211 -2.14 -37.95 -3.68
CA TYR A 211 -1.25 -36.89 -4.15
C TYR A 211 -1.90 -36.02 -5.22
N GLN A 212 -2.49 -36.65 -6.22
CA GLN A 212 -3.02 -35.91 -7.35
C GLN A 212 -4.08 -34.93 -6.89
N ILE A 213 -4.90 -35.35 -5.93
CA ILE A 213 -5.91 -34.48 -5.33
C ILE A 213 -5.28 -33.24 -4.67
N LEU A 214 -4.31 -33.45 -3.79
CA LEU A 214 -3.63 -32.35 -3.13
C LEU A 214 -2.98 -31.43 -4.17
N GLU A 215 -2.34 -32.07 -5.15
CA GLU A 215 -1.60 -31.35 -6.19
C GLU A 215 -2.49 -30.44 -7.01
N LYS A 216 -3.68 -30.91 -7.36
CA LYS A 216 -4.59 -30.09 -8.12
C LYS A 216 -5.10 -28.97 -7.23
N GLY A 217 -5.22 -29.26 -5.93
CA GLY A 217 -5.64 -28.27 -4.96
C GLY A 217 -4.64 -27.14 -4.90
N ALA A 218 -3.37 -27.50 -4.75
CA ALA A 218 -2.29 -26.52 -4.73
C ALA A 218 -2.19 -25.69 -6.01
N ALA A 219 -2.56 -26.28 -7.15
CA ALA A 219 -2.45 -25.57 -8.43
C ALA A 219 -3.55 -24.50 -8.55
N LYS A 220 -4.73 -24.81 -8.03
CA LYS A 220 -5.78 -23.80 -7.97
C LYS A 220 -5.44 -22.66 -7.01
N ARG A 221 -4.84 -22.97 -5.85
CA ARG A 221 -4.37 -21.92 -4.94
C ARG A 221 -3.31 -21.04 -5.62
N THR A 222 -2.37 -21.66 -6.32
CA THR A 222 -1.37 -20.89 -7.06
C THR A 222 -2.03 -19.88 -8.01
N THR A 223 -3.06 -20.33 -8.73
CA THR A 223 -3.79 -19.43 -9.62
C THR A 223 -4.47 -18.32 -8.81
N ALA A 224 -5.15 -18.69 -7.73
CA ALA A 224 -5.79 -17.70 -6.85
C ALA A 224 -4.85 -16.56 -6.40
N ALA A 225 -3.62 -16.92 -6.00
CA ALA A 225 -2.60 -15.95 -5.60
C ALA A 225 -2.25 -14.94 -6.70
N THR A 226 -2.38 -15.32 -7.97
CA THR A 226 -2.14 -14.38 -9.08
C THR A 226 -3.35 -13.45 -9.28
N LEU A 227 -4.48 -13.82 -8.68
CA LEU A 227 -5.74 -13.15 -8.90
C LEU A 227 -6.01 -12.14 -7.80
N MET A 228 -5.53 -12.43 -6.59
CA MET A 228 -5.93 -11.63 -5.45
C MET A 228 -4.75 -11.21 -4.59
N ASN A 229 -4.78 -9.95 -4.17
CA ASN A 229 -3.68 -9.30 -3.47
C ASN A 229 -3.33 -9.93 -2.10
N ALA A 230 -2.05 -10.25 -1.94
CA ALA A 230 -1.54 -10.85 -0.71
C ALA A 230 -2.37 -12.05 -0.29
N TYR A 231 -2.67 -12.92 -1.25
CA TYR A 231 -3.64 -13.99 -1.05
C TYR A 231 -3.22 -15.00 0.01
N SER A 232 -2.01 -15.56 -0.13
CA SER A 232 -1.62 -16.64 0.74
C SER A 232 -1.40 -16.18 2.19
N SER A 233 -1.07 -14.90 2.39
CA SER A 233 -0.82 -14.44 3.75
C SER A 233 -2.10 -13.99 4.43
N ARG A 234 -3.10 -13.59 3.63
CA ARG A 234 -4.37 -13.11 4.17
C ARG A 234 -5.44 -14.18 4.22
N SER A 235 -5.22 -15.28 3.51
CA SER A 235 -6.20 -16.36 3.44
C SER A 235 -6.14 -17.27 4.65
N HIS A 236 -7.28 -17.86 5.01
CA HIS A 236 -7.32 -19.01 5.92
C HIS A 236 -7.61 -20.26 5.09
N SER A 237 -6.90 -21.34 5.38
CA SER A 237 -7.08 -22.60 4.66
CA SER A 237 -7.09 -22.59 4.65
C SER A 237 -7.72 -23.65 5.56
N VAL A 238 -8.81 -24.25 5.09
CA VAL A 238 -9.55 -25.20 5.89
C VAL A 238 -9.64 -26.54 5.19
N PHE A 239 -8.83 -27.49 5.66
CA PHE A 239 -8.84 -28.85 5.15
C PHE A 239 -9.64 -29.74 6.10
N SER A 240 -10.51 -30.57 5.54
CA SER A 240 -11.27 -31.50 6.37
C SER A 240 -11.26 -32.92 5.78
N VAL A 241 -11.07 -33.89 6.66
CA VAL A 241 -11.16 -35.29 6.28
C VAL A 241 -12.19 -35.99 7.18
N THR A 242 -13.14 -36.68 6.56
CA THR A 242 -14.18 -37.40 7.28
C THR A 242 -13.99 -38.91 7.06
N ILE A 243 -14.01 -39.68 8.14
CA ILE A 243 -13.82 -41.12 8.03
C ILE A 243 -15.09 -41.83 8.50
N HIS A 244 -15.73 -42.55 7.59
CA HIS A 244 -16.86 -43.40 7.95
C HIS A 244 -16.38 -44.81 8.20
N MET A 245 -16.63 -45.30 9.41
CA MET A 245 -16.19 -46.63 9.78
C MET A 245 -17.37 -47.53 10.16
N LYS A 246 -17.44 -48.68 9.51
CA LYS A 246 -18.47 -49.66 9.82
C LYS A 246 -17.80 -50.94 10.28
N GLU A 247 -18.23 -51.46 11.43
CA GLU A 247 -17.67 -52.72 11.93
C GLU A 247 -18.77 -53.74 12.22
N THR A 248 -18.36 -54.93 12.62
CA THR A 248 -19.27 -56.04 12.87
C THR A 248 -18.87 -56.80 14.13
N THR A 249 -19.72 -56.75 15.15
CA THR A 249 -19.40 -57.36 16.43
C THR A 249 -19.70 -58.87 16.44
N ILE A 250 -19.02 -59.58 17.34
CA ILE A 250 -19.15 -61.03 17.44
C ILE A 250 -20.59 -61.44 17.73
N ASP A 251 -21.38 -60.52 18.27
CA ASP A 251 -22.78 -60.74 18.56
C ASP A 251 -23.59 -60.76 17.26
N GLY A 252 -23.23 -59.87 16.34
CA GLY A 252 -23.90 -59.78 15.05
C GLY A 252 -24.23 -58.34 14.69
N GLU A 253 -23.99 -57.44 15.64
CA GLU A 253 -24.37 -56.04 15.50
C GLU A 253 -23.54 -55.25 14.49
N GLU A 254 -24.19 -54.34 13.78
CA GLU A 254 -23.52 -53.45 12.85
C GLU A 254 -23.39 -52.06 13.47
N LEU A 255 -22.15 -51.58 13.60
CA LEU A 255 -21.89 -50.33 14.29
C LEU A 255 -21.06 -49.35 13.47
N VAL A 256 -21.53 -48.11 13.41
CA VAL A 256 -20.92 -47.08 12.56
C VAL A 256 -20.23 -45.98 13.38
N LYS A 257 -18.96 -45.78 13.11
CA LYS A 257 -18.20 -44.66 13.67
C LYS A 257 -17.99 -43.61 12.58
N ILE A 258 -18.19 -42.34 12.92
CA ILE A 258 -17.77 -41.27 12.02
C ILE A 258 -16.81 -40.31 12.73
N GLY A 259 -15.59 -40.21 12.23
CA GLY A 259 -14.65 -39.24 12.76
C GLY A 259 -14.36 -38.15 11.75
N LYS A 260 -14.21 -36.92 12.23
CA LYS A 260 -13.81 -35.82 11.35
C LYS A 260 -12.60 -35.07 11.93
N LEU A 261 -11.64 -34.75 11.06
CA LEU A 261 -10.46 -33.98 11.44
C LEU A 261 -10.33 -32.71 10.60
N ASN A 262 -10.38 -31.55 11.23
CA ASN A 262 -10.14 -30.29 10.55
C ASN A 262 -8.70 -29.85 10.70
N LEU A 263 -8.05 -29.55 9.59
CA LEU A 263 -6.67 -29.08 9.62
C LEU A 263 -6.65 -27.69 9.04
N VAL A 264 -6.32 -26.72 9.88
CA VAL A 264 -6.54 -25.32 9.53
C VAL A 264 -5.26 -24.48 9.60
N ASP A 265 -5.03 -23.71 8.55
CA ASP A 265 -3.82 -22.92 8.38
C ASP A 265 -4.26 -21.46 8.28
N LEU A 266 -4.20 -20.75 9.40
CA LEU A 266 -4.80 -19.41 9.49
C LEU A 266 -4.01 -18.33 8.75
N ALA A 267 -4.69 -17.22 8.49
CA ALA A 267 -4.04 -16.00 8.01
C ALA A 267 -2.91 -15.55 8.95
N GLY A 268 -1.90 -14.89 8.41
CA GLY A 268 -0.82 -14.37 9.22
C GLY A 268 -1.32 -13.47 10.34
N SER A 269 -0.91 -13.76 11.57
CA SER A 269 -1.32 -12.98 12.73
C SER A 269 -0.83 -11.53 12.72
N GLU A 270 0.17 -11.20 11.91
CA GLU A 270 0.84 -9.90 12.04
C GLU A 270 -0.10 -8.70 11.92
N ASN A 289 -9.67 -8.53 7.26
CA ASN A 289 -9.13 -9.24 8.42
C ASN A 289 -10.23 -9.68 9.36
N GLN A 290 -11.47 -9.71 8.88
CA GLN A 290 -12.63 -9.93 9.75
C GLN A 290 -12.60 -11.27 10.48
N SER A 291 -12.17 -12.32 9.80
CA SER A 291 -12.09 -13.63 10.44
C SER A 291 -11.01 -13.71 11.52
N LEU A 292 -9.81 -13.19 11.20
CA LEU A 292 -8.72 -13.17 12.17
C LEU A 292 -9.12 -12.33 13.39
N LEU A 293 -9.65 -11.14 13.13
CA LEU A 293 -10.18 -10.26 14.18
C LEU A 293 -11.28 -10.93 15.04
N THR A 294 -12.24 -11.58 14.39
CA THR A 294 -13.33 -12.23 15.13
C THR A 294 -12.83 -13.44 15.93
N LEU A 295 -11.91 -14.20 15.36
CA LEU A 295 -11.28 -15.31 16.10
C LEU A 295 -10.71 -14.83 17.44
N GLY A 296 -9.97 -13.71 17.39
CA GLY A 296 -9.41 -13.10 18.59
C GLY A 296 -10.49 -12.72 19.59
N ARG A 297 -11.54 -12.08 19.09
CA ARG A 297 -12.68 -11.72 19.93
C ARG A 297 -13.38 -12.95 20.48
N VAL A 298 -13.51 -14.00 19.66
CA VAL A 298 -14.10 -15.23 20.13
C VAL A 298 -13.25 -15.87 21.23
N ILE A 299 -11.95 -15.97 20.99
CA ILE A 299 -11.05 -16.53 22.00
C ILE A 299 -11.09 -15.71 23.29
N THR A 300 -11.06 -14.39 23.17
CA THR A 300 -11.10 -13.51 24.33
C THR A 300 -12.38 -13.69 25.14
N ALA A 301 -13.51 -13.79 24.45
CA ALA A 301 -14.79 -14.05 25.10
C ALA A 301 -14.84 -15.42 25.78
N LEU A 302 -14.17 -16.42 25.20
CA LEU A 302 -14.15 -17.75 25.81
C LEU A 302 -13.27 -17.77 27.06
N VAL A 303 -12.12 -17.11 26.99
CA VAL A 303 -11.18 -17.10 28.10
C VAL A 303 -11.74 -16.31 29.29
N GLU A 304 -12.37 -15.19 29.01
CA GLU A 304 -12.95 -14.34 30.05
C GLU A 304 -14.38 -14.74 30.40
N ARG A 305 -14.84 -15.85 29.84
CA ARG A 305 -16.19 -16.36 30.12
C ARG A 305 -17.31 -15.34 29.89
N THR A 306 -17.11 -14.37 29.00
CA THR A 306 -18.17 -13.40 28.71
C THR A 306 -19.35 -14.11 28.06
N PRO A 307 -20.58 -13.61 28.29
CA PRO A 307 -21.83 -14.32 27.98
C PRO A 307 -22.01 -14.62 26.49
N HIS A 308 -21.79 -13.61 25.67
CA HIS A 308 -22.01 -13.73 24.24
C HIS A 308 -20.69 -13.97 23.53
N VAL A 309 -20.61 -15.06 22.80
CA VAL A 309 -19.45 -15.37 22.03
C VAL A 309 -19.77 -15.16 20.58
N PRO A 310 -19.10 -14.19 20.00
CA PRO A 310 -19.44 -13.70 18.69
C PRO A 310 -19.04 -14.58 17.52
N TYR A 311 -19.38 -15.84 17.58
CA TYR A 311 -19.07 -16.76 16.50
C TYR A 311 -19.57 -16.33 15.15
N ARG A 312 -20.76 -15.79 15.08
CA ARG A 312 -21.43 -15.51 13.81
C ARG A 312 -20.82 -14.34 13.02
N GLU A 313 -19.94 -13.58 13.65
CA GLU A 313 -19.44 -12.36 13.02
C GLU A 313 -18.32 -12.59 12.00
N SER A 314 -17.93 -13.84 11.78
CA SER A 314 -17.01 -14.12 10.68
C SER A 314 -17.22 -15.51 10.09
N LYS A 315 -16.76 -15.69 8.87
CA LYS A 315 -16.79 -17.00 8.24
C LYS A 315 -15.95 -18.02 9.03
N LEU A 316 -14.75 -17.64 9.44
CA LEU A 316 -13.87 -18.57 10.14
C LEU A 316 -14.51 -19.07 11.43
N THR A 317 -15.00 -18.15 12.24
CA THR A 317 -15.48 -18.57 13.54
C THR A 317 -16.82 -19.31 13.46
N ARG A 318 -17.60 -19.08 12.40
CA ARG A 318 -18.77 -19.92 12.15
C ARG A 318 -18.31 -21.33 11.86
N ILE A 319 -17.27 -21.45 11.04
CA ILE A 319 -16.71 -22.75 10.71
C ILE A 319 -16.13 -23.46 11.93
N LEU A 320 -15.48 -22.70 12.81
CA LEU A 320 -14.77 -23.27 13.94
C LEU A 320 -15.62 -23.28 15.21
N GLN A 321 -16.88 -22.88 15.10
CA GLN A 321 -17.69 -22.77 16.30
C GLN A 321 -17.58 -24.00 17.21
N ASP A 322 -17.75 -25.19 16.63
CA ASP A 322 -17.69 -26.41 17.45
C ASP A 322 -16.29 -26.70 17.98
N SER A 323 -15.26 -26.16 17.33
CA SER A 323 -13.90 -26.39 17.76
C SER A 323 -13.53 -25.46 18.91
N LEU A 324 -14.30 -24.38 19.07
CA LEU A 324 -14.00 -23.37 20.07
C LEU A 324 -15.11 -23.26 21.10
N GLY A 325 -15.15 -24.21 22.03
CA GLY A 325 -16.27 -24.30 22.95
C GLY A 325 -17.41 -25.10 22.34
N GLY A 326 -17.06 -26.19 21.70
CA GLY A 326 -18.02 -27.16 21.21
C GLY A 326 -17.52 -28.51 21.69
N ARG A 327 -17.86 -29.58 20.99
CA ARG A 327 -17.44 -30.90 21.42
C ARG A 327 -16.34 -31.45 20.56
N THR A 328 -15.73 -30.58 19.74
CA THR A 328 -14.56 -30.97 18.97
C THR A 328 -13.32 -30.81 19.86
N ARG A 329 -12.42 -31.78 19.81
CA ARG A 329 -11.17 -31.66 20.53
C ARG A 329 -10.22 -30.82 19.70
N THR A 330 -9.76 -29.69 20.25
CA THR A 330 -8.96 -28.75 19.47
C THR A 330 -7.52 -28.62 19.96
N SER A 331 -6.58 -28.63 19.02
CA SER A 331 -5.18 -28.36 19.32
C SER A 331 -4.70 -27.14 18.53
N ILE A 332 -3.84 -26.35 19.15
CA ILE A 332 -3.27 -25.18 18.48
C ILE A 332 -1.76 -25.35 18.36
N ILE A 333 -1.23 -25.09 17.16
CA ILE A 333 0.20 -25.05 16.95
C ILE A 333 0.61 -23.61 16.67
N ALA A 334 1.25 -22.96 17.65
CA ALA A 334 1.71 -21.58 17.48
C ALA A 334 3.13 -21.59 16.93
N THR A 335 3.29 -20.97 15.76
CA THR A 335 4.57 -20.95 15.07
C THR A 335 5.27 -19.61 15.26
N ILE A 336 6.58 -19.65 15.50
CA ILE A 336 7.32 -18.42 15.76
C ILE A 336 8.67 -18.49 15.07
N SER A 337 9.26 -17.31 14.83
CA SER A 337 10.61 -17.17 14.30
C SER A 337 11.59 -16.97 15.47
N PRO A 338 12.86 -17.38 15.29
CA PRO A 338 13.86 -17.22 16.37
C PRO A 338 14.52 -15.83 16.39
N ALA A 339 14.26 -15.02 15.36
CA ALA A 339 15.05 -13.81 15.14
C ALA A 339 14.63 -12.62 16.01
N SER A 340 15.64 -11.88 16.43
CA SER A 340 15.49 -10.62 17.13
C SER A 340 14.55 -9.62 16.43
N LEU A 341 14.66 -9.54 15.10
CA LEU A 341 13.82 -8.64 14.32
C LEU A 341 12.35 -8.81 14.69
N ASN A 342 11.94 -10.06 14.89
CA ASN A 342 10.52 -10.40 15.02
C ASN A 342 10.01 -10.42 16.44
N LEU A 343 10.82 -9.88 17.36
CA LEU A 343 10.50 -9.86 18.78
C LEU A 343 9.02 -9.59 19.10
N GLU A 344 8.50 -8.49 18.55
CA GLU A 344 7.16 -8.05 18.88
C GLU A 344 6.05 -9.04 18.48
N GLU A 345 6.10 -9.54 17.25
CA GLU A 345 5.10 -10.51 16.80
C GLU A 345 5.27 -11.86 17.50
N THR A 346 6.51 -12.22 17.78
CA THR A 346 6.80 -13.43 18.53
C THR A 346 6.18 -13.36 19.92
N LEU A 347 6.36 -12.24 20.60
CA LEU A 347 5.68 -12.06 21.89
C LEU A 347 4.16 -12.11 21.74
N SER A 348 3.62 -11.44 20.73
CA SER A 348 2.17 -11.42 20.54
CA SER A 348 2.17 -11.41 20.53
C SER A 348 1.61 -12.81 20.30
N THR A 349 2.29 -13.58 19.46
CA THR A 349 1.89 -14.95 19.19
C THR A 349 1.88 -15.82 20.45
N LEU A 350 2.92 -15.70 21.26
CA LEU A 350 3.01 -16.51 22.49
C LEU A 350 1.92 -16.18 23.52
N GLU A 351 1.67 -14.89 23.74
CA GLU A 351 0.61 -14.48 24.63
C GLU A 351 -0.74 -14.98 24.11
N TYR A 352 -1.01 -14.76 22.84
CA TYR A 352 -2.27 -15.18 22.22
C TYR A 352 -2.46 -16.68 22.46
N ALA A 353 -1.44 -17.45 22.12
CA ALA A 353 -1.52 -18.91 22.20
C ALA A 353 -1.60 -19.37 23.64
N HIS A 354 -0.80 -18.77 24.52
CA HIS A 354 -0.79 -19.21 25.90
C HIS A 354 -2.17 -19.05 26.55
N ARG A 355 -2.82 -17.91 26.32
CA ARG A 355 -4.11 -17.69 26.95
C ARG A 355 -5.17 -18.68 26.46
N ALA A 356 -5.02 -19.18 25.24
CA ALA A 356 -6.01 -20.10 24.67
C ALA A 356 -5.98 -21.46 25.34
N LYS A 357 -4.96 -21.73 26.15
CA LYS A 357 -4.89 -22.98 26.93
C LYS A 357 -6.00 -23.05 27.96
N ASN A 358 -6.66 -21.92 28.24
CA ASN A 358 -7.73 -21.85 29.24
C ASN A 358 -9.10 -22.19 28.69
N ILE A 359 -9.21 -22.30 27.37
CA ILE A 359 -10.49 -22.64 26.77
C ILE A 359 -10.79 -24.12 26.98
N LEU A 360 -11.98 -24.42 27.50
CA LEU A 360 -12.40 -25.81 27.66
C LEU A 360 -13.39 -26.26 26.58
N ASN A 361 -13.11 -27.41 25.97
CA ASN A 361 -14.06 -28.05 25.06
C ASN A 361 -14.67 -29.28 25.71
N LYS A 362 -15.71 -29.84 25.09
CA LYS A 362 -16.30 -31.08 25.58
C LYS A 362 -16.27 -32.19 24.51
N PRO A 363 -15.07 -32.68 24.15
CA PRO A 363 -14.95 -33.72 23.12
C PRO A 363 -15.85 -34.91 23.48
N GLU A 364 -16.67 -35.31 22.52
CA GLU A 364 -17.72 -36.32 22.66
C GLU A 364 -18.21 -36.87 21.32
N VAL A 365 -18.11 -38.17 21.10
CA VAL A 365 -18.81 -38.83 19.98
C VAL A 365 -19.04 -40.32 20.16
N LYS B 17 18.27 34.77 21.83
CA LYS B 17 18.70 34.02 20.66
C LYS B 17 17.58 33.13 20.13
N ASN B 18 17.49 33.04 18.81
CA ASN B 18 16.47 32.25 18.15
C ASN B 18 17.08 31.07 17.43
N ILE B 19 16.31 29.99 17.28
CA ILE B 19 16.82 28.89 16.49
CA ILE B 19 16.71 28.87 16.45
C ILE B 19 17.04 29.40 15.06
N GLN B 20 18.20 29.05 14.53
CA GLN B 20 18.61 29.48 13.20
C GLN B 20 17.95 28.59 12.16
N VAL B 21 17.46 29.17 11.08
CA VAL B 21 16.82 28.40 10.01
C VAL B 21 17.35 28.78 8.65
N VAL B 22 17.86 27.79 7.92
CA VAL B 22 18.37 28.04 6.60
C VAL B 22 17.68 27.10 5.63
N VAL B 23 17.73 27.43 4.35
CA VAL B 23 17.09 26.59 3.34
C VAL B 23 18.11 26.17 2.32
N ARG B 24 18.06 24.91 1.91
CA ARG B 24 18.88 24.45 0.81
C ARG B 24 18.01 23.78 -0.25
N CYS B 25 18.08 24.32 -1.47
CA CYS B 25 17.41 23.73 -2.60
C CYS B 25 18.41 22.89 -3.40
N ARG B 26 18.02 21.69 -3.79
CA ARG B 26 18.90 20.84 -4.58
C ARG B 26 18.73 21.13 -6.07
N PRO B 27 19.71 20.72 -6.89
CA PRO B 27 19.56 20.84 -8.35
C PRO B 27 18.53 19.84 -8.82
N PHE B 28 18.04 20.03 -10.05
CA PHE B 28 17.22 19.02 -10.71
C PHE B 28 17.99 17.70 -10.81
N ASN B 29 17.28 16.59 -10.66
CA ASN B 29 17.89 15.28 -10.92
C ASN B 29 17.52 14.83 -12.32
N LEU B 30 18.06 13.71 -12.76
CA LEU B 30 17.89 13.28 -14.15
C LEU B 30 16.45 12.95 -14.56
N ALA B 31 15.68 12.34 -13.65
CA ALA B 31 14.29 12.03 -13.95
C ALA B 31 13.41 13.28 -14.09
N GLU B 32 13.74 14.32 -13.34
CA GLU B 32 13.05 15.60 -13.46
C GLU B 32 13.38 16.20 -14.82
N ARG B 33 14.66 16.19 -15.17
CA ARG B 33 15.09 16.79 -16.43
C ARG B 33 14.45 16.04 -17.60
N LYS B 34 14.29 14.74 -17.44
CA LYS B 34 13.69 13.93 -18.50
C LYS B 34 12.20 14.18 -18.62
N ALA B 35 11.59 14.61 -17.51
CA ALA B 35 10.16 14.90 -17.48
C ALA B 35 9.90 16.35 -17.87
N SER B 36 10.95 17.03 -18.33
CA SER B 36 10.87 18.44 -18.72
C SER B 36 10.37 19.31 -17.57
N ALA B 37 10.84 19.02 -16.36
CA ALA B 37 10.38 19.74 -15.18
C ALA B 37 10.78 21.22 -15.23
N HIS B 38 9.83 22.09 -14.86
CA HIS B 38 10.09 23.52 -14.66
C HIS B 38 10.43 23.82 -13.21
N SER B 39 11.32 24.79 -12.99
CA SER B 39 11.57 25.32 -11.66
C SER B 39 10.44 26.23 -11.18
N ILE B 40 10.14 26.15 -9.89
CA ILE B 40 9.23 27.10 -9.25
C ILE B 40 9.92 27.78 -8.08
N VAL B 41 11.22 27.55 -7.96
CA VAL B 41 11.99 28.04 -6.82
C VAL B 41 13.09 28.99 -7.26
N GLU B 42 13.14 30.16 -6.62
CA GLU B 42 14.23 31.09 -6.82
C GLU B 42 14.79 31.42 -5.45
N CYS B 43 16.09 31.19 -5.32
CA CYS B 43 16.81 31.49 -4.11
C CYS B 43 17.67 32.73 -4.29
N ASP B 44 17.58 33.65 -3.34
CA ASP B 44 18.39 34.86 -3.40
C ASP B 44 19.20 34.96 -2.12
N PRO B 45 20.47 34.50 -2.17
CA PRO B 45 21.39 34.49 -1.04
C PRO B 45 21.55 35.87 -0.39
N VAL B 46 21.60 36.91 -1.21
CA VAL B 46 21.87 38.27 -0.73
C VAL B 46 20.69 38.80 0.08
N ARG B 47 19.48 38.71 -0.46
CA ARG B 47 18.28 39.08 0.27
CA ARG B 47 18.27 39.08 0.28
C ARG B 47 17.92 37.98 1.28
N LYS B 48 18.53 36.81 1.11
CA LYS B 48 18.27 35.66 1.99
C LYS B 48 16.82 35.24 1.86
N GLU B 49 16.33 35.24 0.63
CA GLU B 49 14.94 34.97 0.36
C GLU B 49 14.77 33.74 -0.51
N VAL B 50 13.68 33.03 -0.26
CA VAL B 50 13.24 31.96 -1.13
C VAL B 50 11.89 32.39 -1.68
N SER B 51 11.80 32.46 -3.00
CA SER B 51 10.54 32.81 -3.63
C SER B 51 10.03 31.65 -4.48
N VAL B 52 8.83 31.19 -4.18
CA VAL B 52 8.22 30.07 -4.87
C VAL B 52 7.09 30.56 -5.80
N ARG B 53 7.17 30.15 -7.07
CA ARG B 53 6.11 30.41 -8.06
C ARG B 53 4.94 29.45 -7.83
N THR B 54 3.77 29.99 -7.51
CA THR B 54 2.67 29.18 -7.02
C THR B 54 1.45 29.07 -7.95
N GLY B 55 1.44 29.88 -9.01
CA GLY B 55 0.24 30.02 -9.81
C GLY B 55 0.11 29.12 -11.03
N GLY B 56 1.12 28.30 -11.28
CA GLY B 56 1.08 27.34 -12.38
C GLY B 56 0.77 28.03 -13.70
N LEU B 57 -0.23 27.52 -14.41
CA LEU B 57 -0.62 28.07 -15.70
C LEU B 57 -1.64 29.19 -15.52
N ALA B 58 -2.24 29.25 -14.34
CA ALA B 58 -3.40 30.10 -14.10
C ALA B 58 -3.04 31.55 -13.76
N ASP B 59 -2.01 31.74 -12.95
CA ASP B 59 -1.65 33.06 -12.48
C ASP B 59 -0.14 33.20 -12.37
N LYS B 60 0.46 33.90 -13.34
CA LYS B 60 1.91 33.98 -13.42
C LYS B 60 2.52 34.97 -12.43
N SER B 61 1.68 35.69 -11.70
CA SER B 61 2.21 36.67 -10.75
C SER B 61 2.31 36.16 -9.31
N SER B 62 1.55 35.12 -8.98
CA SER B 62 1.54 34.54 -7.64
C SER B 62 2.92 34.04 -7.20
N ARG B 63 3.35 34.45 -6.00
CA ARG B 63 4.56 33.95 -5.36
C ARG B 63 4.31 33.85 -3.86
N LYS B 64 5.04 32.94 -3.20
CA LYS B 64 5.21 32.99 -1.76
C LYS B 64 6.69 33.22 -1.48
N THR B 65 6.99 34.27 -0.72
CA THR B 65 8.37 34.65 -0.49
C THR B 65 8.68 34.56 1.00
N TYR B 66 9.81 33.96 1.33
CA TYR B 66 10.18 33.71 2.72
C TYR B 66 11.60 34.19 2.95
N THR B 67 11.82 34.78 4.10
CA THR B 67 13.15 35.23 4.46
C THR B 67 13.70 34.26 5.52
N PHE B 68 14.92 33.80 5.33
CA PHE B 68 15.53 32.87 6.28
C PHE B 68 16.88 33.42 6.70
N ASP B 69 17.55 32.75 7.63
CA ASP B 69 18.85 33.19 8.12
C ASP B 69 19.90 33.04 7.03
N MET B 70 19.79 31.98 6.24
CA MET B 70 20.64 31.81 5.07
C MET B 70 19.85 31.01 4.05
N VAL B 71 20.13 31.25 2.77
CA VAL B 71 19.49 30.55 1.69
C VAL B 71 20.58 29.99 0.79
N PHE B 72 20.48 28.70 0.44
CA PHE B 72 21.46 28.04 -0.42
C PHE B 72 20.78 27.49 -1.66
N GLY B 73 21.15 28.01 -2.82
CA GLY B 73 20.51 27.60 -4.05
C GLY B 73 21.08 26.30 -4.60
N ALA B 74 20.56 25.91 -5.75
CA ALA B 74 20.85 24.64 -6.39
C ALA B 74 22.34 24.39 -6.58
N SER B 75 23.08 25.45 -6.84
CA SER B 75 24.49 25.32 -7.16
C SER B 75 25.38 25.23 -5.93
N THR B 76 24.80 25.29 -4.74
CA THR B 76 25.60 25.22 -3.51
C THR B 76 26.27 23.87 -3.36
N LYS B 77 27.57 23.89 -3.07
CA LYS B 77 28.34 22.68 -2.87
C LYS B 77 28.46 22.34 -1.39
N GLN B 78 28.73 21.08 -1.10
CA GLN B 78 28.83 20.61 0.28
C GLN B 78 29.72 21.51 1.11
N ILE B 79 30.86 21.92 0.56
CA ILE B 79 31.82 22.67 1.35
C ILE B 79 31.29 24.09 1.70
N ASP B 80 30.45 24.65 0.83
CA ASP B 80 29.81 25.94 1.13
C ASP B 80 28.86 25.79 2.31
N VAL B 81 28.05 24.74 2.31
CA VAL B 81 27.19 24.48 3.47
C VAL B 81 28.04 24.33 4.72
N TYR B 82 29.13 23.57 4.64
CA TYR B 82 29.94 23.38 5.84
C TYR B 82 30.55 24.68 6.35
N ARG B 83 31.17 25.45 5.46
CA ARG B 83 31.77 26.71 5.87
C ARG B 83 30.74 27.69 6.41
N SER B 84 29.63 27.86 5.69
CA SER B 84 28.66 28.88 6.09
C SER B 84 27.89 28.52 7.35
N VAL B 85 27.42 27.28 7.45
CA VAL B 85 26.57 26.88 8.58
C VAL B 85 27.33 26.25 9.74
N VAL B 86 28.16 25.25 9.45
CA VAL B 86 28.71 24.42 10.52
C VAL B 86 29.96 24.99 11.22
N CYS B 87 30.88 25.60 10.47
CA CYS B 87 32.10 26.16 11.07
CA CYS B 87 32.11 26.13 11.07
C CYS B 87 31.80 27.01 12.30
N PRO B 88 30.91 28.01 12.14
CA PRO B 88 30.58 28.82 13.34
C PRO B 88 30.00 27.94 14.45
N ILE B 89 29.14 26.99 14.11
CA ILE B 89 28.56 26.12 15.14
C ILE B 89 29.64 25.29 15.84
N LEU B 90 30.58 24.75 15.09
CA LEU B 90 31.61 23.91 15.69
C LEU B 90 32.50 24.72 16.65
N ASP B 91 32.71 25.99 16.34
CA ASP B 91 33.43 26.91 17.25
C ASP B 91 32.72 26.96 18.60
N GLU B 92 31.42 27.18 18.56
CA GLU B 92 30.60 27.19 19.75
C GLU B 92 30.73 25.91 20.55
N VAL B 93 30.67 24.78 19.85
CA VAL B 93 30.81 23.48 20.51
C VAL B 93 32.16 23.37 21.24
N ILE B 94 33.23 23.82 20.59
CA ILE B 94 34.56 23.69 21.17
C ILE B 94 34.71 24.56 22.41
N MET B 95 33.93 25.62 22.49
CA MET B 95 33.93 26.50 23.65
C MET B 95 33.08 25.95 24.81
N GLY B 96 32.53 24.75 24.62
CA GLY B 96 31.80 24.09 25.69
C GLY B 96 30.29 24.28 25.61
N TYR B 97 29.79 24.70 24.45
CA TYR B 97 28.35 24.79 24.23
C TYR B 97 27.78 23.53 23.59
N ASN B 98 26.50 23.28 23.82
CA ASN B 98 25.80 22.22 23.12
C ASN B 98 25.08 22.78 21.91
N CYS B 99 25.17 22.09 20.77
CA CYS B 99 24.51 22.54 19.57
C CYS B 99 23.84 21.37 18.86
N THR B 100 22.81 21.68 18.09
CA THR B 100 22.06 20.68 17.35
C THR B 100 21.72 21.25 16.00
N ILE B 101 21.99 20.44 14.97
CA ILE B 101 21.57 20.76 13.62
C ILE B 101 20.66 19.65 13.18
N PHE B 102 19.48 20.00 12.69
CA PHE B 102 18.67 18.98 12.02
C PHE B 102 18.14 19.37 10.65
N ALA B 103 18.11 18.38 9.77
CA ALA B 103 17.60 18.57 8.42
C ALA B 103 16.13 18.15 8.36
N TYR B 104 15.30 18.99 7.77
CA TYR B 104 13.87 18.73 7.69
C TYR B 104 13.44 18.89 6.24
N GLY B 105 12.62 17.98 5.75
CA GLY B 105 12.16 18.09 4.38
C GLY B 105 11.67 16.79 3.79
N GLN B 106 11.06 16.91 2.62
CA GLN B 106 10.52 15.78 1.89
C GLN B 106 11.60 14.75 1.52
N THR B 107 11.23 13.47 1.52
CA THR B 107 12.10 12.42 1.00
C THR B 107 12.55 12.77 -0.40
N GLY B 108 13.83 12.63 -0.68
CA GLY B 108 14.35 12.97 -1.98
C GLY B 108 14.91 14.39 -2.12
N THR B 109 14.82 15.21 -1.08
CA THR B 109 15.25 16.60 -1.22
C THR B 109 16.69 16.88 -0.82
N GLY B 110 17.31 15.94 -0.11
CA GLY B 110 18.72 16.05 0.18
C GLY B 110 19.05 16.17 1.65
N LYS B 111 18.20 15.62 2.51
CA LYS B 111 18.50 15.61 3.93
C LYS B 111 19.75 14.76 4.26
N THR B 112 19.80 13.55 3.73
CA THR B 112 20.96 12.70 4.00
C THR B 112 22.18 13.20 3.24
N PHE B 113 21.97 13.63 2.00
CA PHE B 113 23.07 14.24 1.24
C PHE B 113 23.74 15.35 2.03
N THR B 114 22.93 16.18 2.68
CA THR B 114 23.47 17.30 3.44
C THR B 114 24.14 16.86 4.75
N MET B 115 23.46 16.03 5.53
CA MET B 115 23.97 15.66 6.84
C MET B 115 25.15 14.69 6.75
N GLU B 116 25.12 13.78 5.79
CA GLU B 116 26.15 12.75 5.69
C GLU B 116 26.95 12.91 4.42
N GLY B 117 26.24 13.02 3.31
CA GLY B 117 26.87 13.11 2.01
C GLY B 117 27.01 11.72 1.43
N GLU B 118 27.85 11.63 0.41
CA GLU B 118 28.04 10.41 -0.34
C GLU B 118 29.51 10.29 -0.67
N ARG B 119 29.91 9.10 -1.08
CA ARG B 119 31.27 8.82 -1.48
C ARG B 119 31.36 8.96 -2.99
N SER B 120 32.29 9.78 -3.51
CA SER B 120 32.60 9.75 -4.94
C SER B 120 33.14 8.36 -5.32
N PRO B 121 32.90 7.92 -6.56
CA PRO B 121 33.24 6.57 -7.01
C PRO B 121 34.71 6.39 -7.38
N ASN B 122 35.15 5.13 -7.38
CA ASN B 122 36.48 4.74 -7.85
C ASN B 122 37.62 5.25 -6.99
N GLU B 123 37.33 5.50 -5.72
CA GLU B 123 38.34 5.96 -4.79
C GLU B 123 39.08 7.19 -5.33
N GLU B 124 38.39 8.02 -6.09
CA GLU B 124 39.02 9.21 -6.65
C GLU B 124 39.59 10.11 -5.55
N TYR B 125 38.90 10.20 -4.43
CA TYR B 125 39.30 11.13 -3.37
C TYR B 125 39.46 10.42 -2.04
N THR B 126 40.27 10.99 -1.17
CA THR B 126 40.23 10.57 0.22
C THR B 126 38.90 11.06 0.77
N TRP B 127 38.48 10.50 1.90
CA TRP B 127 37.19 10.89 2.45
C TRP B 127 37.19 12.35 2.92
N GLU B 128 38.36 12.86 3.33
CA GLU B 128 38.48 14.23 3.81
C GLU B 128 38.32 15.25 2.70
N GLU B 129 38.60 14.85 1.47
CA GLU B 129 38.60 15.77 0.35
C GLU B 129 37.48 15.49 -0.64
N ASP B 130 36.72 14.43 -0.38
CA ASP B 130 35.64 14.06 -1.28
C ASP B 130 34.65 15.23 -1.34
N PRO B 131 34.36 15.74 -2.55
CA PRO B 131 33.44 16.87 -2.73
C PRO B 131 32.02 16.52 -2.30
N LEU B 132 31.69 15.24 -2.34
CA LEU B 132 30.34 14.82 -1.97
C LEU B 132 30.17 14.56 -0.47
N ALA B 133 31.27 14.56 0.28
CA ALA B 133 31.19 14.38 1.74
C ALA B 133 30.27 15.44 2.35
N GLY B 134 29.49 15.06 3.35
CA GLY B 134 28.57 15.98 4.00
C GLY B 134 29.02 16.49 5.36
N ILE B 135 28.07 16.95 6.16
CA ILE B 135 28.37 17.62 7.43
C ILE B 135 29.08 16.73 8.45
N ILE B 136 28.64 15.48 8.59
CA ILE B 136 29.20 14.60 9.62
C ILE B 136 30.70 14.32 9.44
N PRO B 137 31.13 13.86 8.26
CA PRO B 137 32.57 13.62 8.05
C PRO B 137 33.42 14.90 8.13
N ARG B 138 33.01 15.97 7.45
CA ARG B 138 33.73 17.24 7.52
C ARG B 138 33.90 17.70 8.95
N THR B 139 32.86 17.54 9.76
CA THR B 139 32.92 17.94 11.16
C THR B 139 33.94 17.14 11.96
N LEU B 140 33.90 15.81 11.84
CA LEU B 140 34.81 14.98 12.60
C LEU B 140 36.25 15.32 12.20
N HIS B 141 36.48 15.43 10.90
CA HIS B 141 37.77 15.86 10.36
C HIS B 141 38.25 17.16 11.01
N GLN B 142 37.43 18.21 10.91
CA GLN B 142 37.78 19.53 11.45
C GLN B 142 37.93 19.58 12.95
N ILE B 143 37.22 18.73 13.68
CA ILE B 143 37.45 18.63 15.13
C ILE B 143 38.90 18.26 15.41
N PHE B 144 39.41 17.25 14.70
CA PHE B 144 40.78 16.82 14.90
C PHE B 144 41.77 17.86 14.38
N GLU B 145 41.50 18.44 13.21
CA GLU B 145 42.34 19.52 12.69
C GLU B 145 42.51 20.62 13.73
N LYS B 146 41.39 21.11 14.26
CA LYS B 146 41.38 22.30 15.10
C LYS B 146 42.00 22.10 16.47
N LEU B 147 41.80 20.94 17.05
CA LEU B 147 42.19 20.72 18.41
C LEU B 147 43.57 20.10 18.50
N THR B 148 43.95 19.34 17.51
CA THR B 148 45.26 18.75 17.52
C THR B 148 46.24 19.90 17.45
N ASP B 149 45.84 20.91 16.70
CA ASP B 149 46.60 22.08 16.39
C ASP B 149 46.54 23.08 17.52
N ASN B 150 45.69 22.82 18.50
CA ASN B 150 45.22 23.69 19.76
CA ASN B 150 45.56 23.77 19.58
C ASN B 150 46.29 23.48 20.88
N GLY B 151 46.61 22.24 21.14
CA GLY B 151 47.52 21.91 22.23
C GLY B 151 46.85 21.23 23.41
N THR B 152 45.66 21.71 23.77
CA THR B 152 44.94 21.20 24.93
C THR B 152 44.61 19.73 24.78
N GLU B 153 44.62 19.01 25.90
CA GLU B 153 44.22 17.61 25.89
C GLU B 153 42.73 17.51 25.64
N PHE B 154 42.34 16.65 24.70
CA PHE B 154 40.93 16.49 24.36
C PHE B 154 40.63 15.04 23.99
N SER B 155 39.39 14.63 24.22
CA SER B 155 38.91 13.33 23.73
C SER B 155 37.63 13.50 22.91
N VAL B 156 37.45 12.63 21.91
CA VAL B 156 36.28 12.69 21.04
C VAL B 156 35.53 11.37 21.06
N LYS B 157 34.22 11.45 21.30
CA LYS B 157 33.34 10.27 21.30
C LYS B 157 32.16 10.47 20.35
N VAL B 158 31.81 9.42 19.62
CA VAL B 158 30.68 9.44 18.69
C VAL B 158 29.68 8.34 18.99
N SER B 159 28.41 8.62 18.68
CA SER B 159 27.35 7.62 18.66
C SER B 159 26.43 7.88 17.45
N LEU B 160 25.77 6.83 16.97
CA LEU B 160 24.82 6.97 15.88
C LEU B 160 23.67 6.01 16.13
N LEU B 161 22.51 6.55 16.51
CA LEU B 161 21.33 5.70 16.66
C LEU B 161 20.28 6.11 15.63
N GLU B 162 19.31 5.24 15.39
CA GLU B 162 18.20 5.60 14.53
C GLU B 162 16.87 5.22 15.17
N ILE B 163 15.89 6.06 14.91
CA ILE B 163 14.54 5.84 15.39
C ILE B 163 13.67 5.43 14.22
N TYR B 164 13.09 4.23 14.31
CA TYR B 164 12.16 3.73 13.31
C TYR B 164 10.97 3.15 14.04
N ASN B 165 9.79 3.71 13.78
CA ASN B 165 8.59 3.18 14.41
C ASN B 165 8.66 3.26 15.93
N GLU B 166 9.36 4.27 16.46
CA GLU B 166 9.54 4.41 17.89
C GLU B 166 10.46 3.33 18.51
N GLU B 167 11.14 2.56 17.66
CA GLU B 167 12.17 1.64 18.14
C GLU B 167 13.55 2.24 17.89
N LEU B 168 14.50 1.94 18.77
CA LEU B 168 15.84 2.53 18.65
C LEU B 168 16.90 1.50 18.31
N PHE B 169 17.65 1.78 17.25
CA PHE B 169 18.68 0.89 16.77
C PHE B 169 20.04 1.58 16.85
N ASP B 170 21.08 0.78 17.07
CA ASP B 170 22.43 1.32 17.28
C ASP B 170 23.30 0.94 16.10
N LEU B 171 23.62 1.91 15.26
CA LEU B 171 24.40 1.60 14.05
C LEU B 171 25.89 1.37 14.32
N LEU B 172 26.38 1.80 15.49
CA LEU B 172 27.81 1.66 15.79
C LEU B 172 28.08 0.51 16.75
N ASN B 173 27.02 -0.09 17.29
CA ASN B 173 27.16 -1.20 18.22
C ASN B 173 27.97 -2.39 17.69
N PRO B 174 28.82 -2.97 18.55
CA PRO B 174 29.56 -4.17 18.14
C PRO B 174 28.63 -5.35 17.85
N SER B 175 27.46 -5.36 18.47
CA SER B 175 26.48 -6.42 18.20
C SER B 175 26.30 -6.53 16.69
N SER B 176 26.28 -7.76 16.17
CA SER B 176 26.25 -7.95 14.72
C SER B 176 24.84 -7.87 14.12
N ASP B 177 23.81 -7.89 14.97
CA ASP B 177 22.43 -7.81 14.51
C ASP B 177 21.93 -6.38 14.75
N VAL B 178 21.73 -5.64 13.66
CA VAL B 178 21.27 -4.24 13.76
C VAL B 178 19.91 -4.09 14.45
N SER B 179 19.11 -5.16 14.50
CA SER B 179 17.77 -5.09 15.11
C SER B 179 17.73 -5.14 16.65
N GLU B 180 18.88 -5.33 17.29
CA GLU B 180 18.89 -5.38 18.76
C GLU B 180 18.59 -3.98 19.26
N ARG B 181 17.58 -3.83 20.10
CA ARG B 181 17.02 -2.51 20.37
C ARG B 181 17.54 -1.83 21.65
N LEU B 182 17.73 -0.53 21.56
CA LEU B 182 18.08 0.30 22.70
C LEU B 182 16.83 0.63 23.49
N GLN B 183 17.01 1.17 24.69
CA GLN B 183 15.90 1.69 25.45
C GLN B 183 16.27 3.10 25.95
N MET B 184 15.26 3.85 26.36
CA MET B 184 15.45 5.24 26.74
C MET B 184 14.89 5.47 28.13
N PHE B 185 15.64 6.18 28.97
CA PHE B 185 15.19 6.48 30.32
C PHE B 185 15.51 7.95 30.60
N ASP B 186 14.72 8.59 31.45
CA ASP B 186 15.00 9.96 31.85
C ASP B 186 16.34 10.04 32.59
N ASP B 187 17.10 11.10 32.30
CA ASP B 187 18.39 11.32 32.90
C ASP B 187 18.17 11.97 34.26
N PRO B 188 18.55 11.27 35.34
CA PRO B 188 18.27 11.74 36.69
C PRO B 188 18.96 13.07 37.00
N ARG B 189 20.14 13.29 36.42
CA ARG B 189 20.88 14.54 36.64
C ARG B 189 20.72 15.58 35.52
N ASN B 190 19.63 15.46 34.76
CA ASN B 190 19.23 16.48 33.78
C ASN B 190 17.74 16.41 33.50
N LYS B 191 17.04 17.51 33.79
CA LYS B 191 15.58 17.57 33.64
C LYS B 191 15.07 17.31 32.22
N ARG B 192 15.88 17.68 31.23
CA ARG B 192 15.46 17.55 29.83
C ARG B 192 16.26 16.46 29.10
N GLY B 193 17.12 15.77 29.83
CA GLY B 193 18.00 14.80 29.22
C GLY B 193 17.47 13.38 29.32
N VAL B 194 17.96 12.52 28.44
CA VAL B 194 17.64 11.10 28.50
C VAL B 194 18.92 10.31 28.42
N ILE B 195 18.90 9.11 28.96
CA ILE B 195 20.01 8.19 28.80
C ILE B 195 19.57 7.12 27.81
N ILE B 196 20.42 6.84 26.82
CA ILE B 196 20.12 5.78 25.89
C ILE B 196 20.83 4.52 26.37
N LYS B 197 20.05 3.64 26.99
CA LYS B 197 20.55 2.38 27.56
C LYS B 197 21.00 1.40 26.48
N GLY B 198 22.26 0.98 26.54
CA GLY B 198 22.83 0.09 25.55
C GLY B 198 23.65 0.81 24.47
N LEU B 199 23.60 2.14 24.45
CA LEU B 199 24.20 2.87 23.34
C LEU B 199 25.71 2.77 23.31
N GLU B 200 26.25 2.38 22.16
CA GLU B 200 27.68 2.32 21.99
C GLU B 200 28.20 3.74 21.71
N GLU B 201 29.08 4.22 22.58
CA GLU B 201 29.78 5.46 22.34
C GLU B 201 31.25 5.15 22.10
N ILE B 202 31.71 5.43 20.90
CA ILE B 202 33.05 5.04 20.52
C ILE B 202 34.01 6.21 20.67
N THR B 203 35.11 5.97 21.37
CA THR B 203 36.17 6.97 21.48
C THR B 203 36.94 7.02 20.17
N VAL B 204 37.08 8.22 19.60
CA VAL B 204 37.81 8.34 18.36
C VAL B 204 39.17 8.98 18.66
N HIS B 205 40.21 8.16 18.67
CA HIS B 205 41.53 8.63 19.13
C HIS B 205 42.26 9.45 18.10
N ASN B 206 41.87 9.31 16.83
CA ASN B 206 42.59 9.91 15.73
C ASN B 206 41.67 10.01 14.52
N LYS B 207 41.89 10.99 13.65
CA LYS B 207 41.04 11.12 12.48
C LYS B 207 41.17 9.92 11.55
N ASP B 208 42.23 9.13 11.71
CA ASP B 208 42.45 7.96 10.87
CA ASP B 208 42.40 7.99 10.83
C ASP B 208 41.60 6.78 11.32
N GLU B 209 40.84 6.99 12.39
CA GLU B 209 39.86 6.01 12.86
C GLU B 209 38.43 6.37 12.41
N VAL B 210 38.27 7.54 11.80
CA VAL B 210 36.93 8.05 11.46
C VAL B 210 36.21 7.21 10.40
N TYR B 211 36.82 7.02 9.24
CA TYR B 211 36.13 6.46 8.11
C TYR B 211 35.57 5.06 8.36
N GLN B 212 36.36 4.18 8.96
CA GLN B 212 35.91 2.82 9.21
C GLN B 212 34.72 2.77 10.16
N ILE B 213 34.71 3.65 11.15
CA ILE B 213 33.57 3.75 12.05
C ILE B 213 32.30 4.12 11.26
N LEU B 214 32.35 5.18 10.47
CA LEU B 214 31.19 5.63 9.70
C LEU B 214 30.81 4.57 8.67
N GLU B 215 31.82 3.94 8.09
CA GLU B 215 31.61 2.90 7.10
C GLU B 215 30.82 1.71 7.65
N LYS B 216 31.14 1.28 8.87
CA LYS B 216 30.44 0.15 9.46
C LYS B 216 29.02 0.52 9.87
N GLY B 217 28.84 1.76 10.32
CA GLY B 217 27.54 2.27 10.68
C GLY B 217 26.67 2.20 9.45
N ALA B 218 27.17 2.71 8.33
CA ALA B 218 26.41 2.73 7.10
C ALA B 218 26.06 1.31 6.62
N ALA B 219 27.00 0.38 6.77
CA ALA B 219 26.73 -1.02 6.42
C ALA B 219 25.61 -1.62 7.29
N LYS B 220 25.59 -1.29 8.57
CA LYS B 220 24.50 -1.74 9.41
C LYS B 220 23.16 -1.13 8.99
N ARG B 221 23.16 0.14 8.61
CA ARG B 221 21.94 0.78 8.12
C ARG B 221 21.46 0.05 6.87
N THR B 222 22.38 -0.23 5.96
CA THR B 222 22.03 -0.98 4.74
C THR B 222 21.31 -2.29 5.06
N THR B 223 21.86 -3.03 6.03
CA THR B 223 21.18 -4.26 6.48
C THR B 223 19.77 -3.92 7.00
N ALA B 224 19.65 -2.86 7.79
CA ALA B 224 18.34 -2.51 8.35
C ALA B 224 17.26 -2.18 7.29
N ALA B 225 17.66 -1.48 6.22
CA ALA B 225 16.75 -1.10 5.14
C ALA B 225 16.12 -2.34 4.53
N THR B 226 16.89 -3.41 4.60
CA THR B 226 16.60 -4.69 4.03
C THR B 226 15.56 -5.44 4.88
N LEU B 227 15.39 -4.99 6.12
CA LEU B 227 14.59 -5.72 7.10
C LEU B 227 13.25 -5.07 7.41
N MET B 228 13.18 -3.77 7.17
CA MET B 228 12.02 -3.02 7.60
C MET B 228 11.49 -2.15 6.46
N ASN B 229 10.17 -2.07 6.34
CA ASN B 229 9.56 -1.35 5.22
CA ASN B 229 9.52 -1.35 5.25
C ASN B 229 9.88 0.14 5.21
N ALA B 230 10.24 0.64 4.03
CA ALA B 230 10.55 2.05 3.85
C ALA B 230 11.42 2.57 5.01
N TYR B 231 12.44 1.80 5.36
CA TYR B 231 13.28 2.15 6.51
C TYR B 231 13.90 3.54 6.45
N SER B 232 14.61 3.84 5.37
CA SER B 232 15.39 5.06 5.32
CA SER B 232 15.39 5.07 5.38
C SER B 232 14.55 6.32 5.19
N SER B 233 13.39 6.20 4.55
CA SER B 233 12.48 7.35 4.43
C SER B 233 11.69 7.60 5.72
N ARG B 234 11.46 6.57 6.51
CA ARG B 234 10.68 6.74 7.76
C ARG B 234 11.52 6.86 9.04
N SER B 235 12.80 6.56 8.94
CA SER B 235 13.71 6.63 10.09
C SER B 235 14.16 8.05 10.39
N HIS B 236 14.41 8.33 11.67
CA HIS B 236 15.14 9.53 12.06
C HIS B 236 16.55 9.08 12.47
N SER B 237 17.58 9.80 12.03
CA SER B 237 18.96 9.40 12.33
CA SER B 237 18.97 9.40 12.32
C SER B 237 19.61 10.42 13.25
N VAL B 238 20.09 9.96 14.39
CA VAL B 238 20.69 10.87 15.37
C VAL B 238 22.19 10.59 15.53
N PHE B 239 23.02 11.42 14.92
CA PHE B 239 24.46 11.36 15.14
C PHE B 239 24.91 12.37 16.22
N SER B 240 25.66 11.89 17.21
CA SER B 240 26.16 12.78 18.27
C SER B 240 27.68 12.69 18.40
N VAL B 241 28.35 13.84 18.44
CA VAL B 241 29.78 13.91 18.79
C VAL B 241 29.92 14.67 20.10
N THR B 242 30.72 14.11 21.02
CA THR B 242 30.98 14.76 22.30
C THR B 242 32.48 15.01 22.43
N ILE B 243 32.86 16.22 22.81
CA ILE B 243 34.27 16.55 23.00
C ILE B 243 34.49 16.95 24.45
N HIS B 244 35.41 16.25 25.11
CA HIS B 244 35.85 16.60 26.44
C HIS B 244 37.19 17.30 26.31
N MET B 245 37.23 18.54 26.79
CA MET B 245 38.47 19.30 26.74
C MET B 245 38.98 19.62 28.15
N LYS B 246 40.19 19.16 28.44
CA LYS B 246 40.80 19.40 29.74
C LYS B 246 41.47 20.76 29.80
N GLU B 247 40.73 21.73 30.33
CA GLU B 247 41.21 23.10 30.43
C GLU B 247 41.63 23.39 31.86
N THR B 248 42.61 24.26 32.01
CA THR B 248 42.78 24.99 33.27
C THR B 248 43.07 26.44 32.90
N THR B 249 42.33 27.37 33.49
CA THR B 249 41.46 27.09 34.64
C THR B 249 40.18 26.33 34.29
N LEU B 255 39.54 22.05 35.09
CA LEU B 255 38.31 22.26 34.32
C LEU B 255 38.14 21.23 33.21
N VAL B 256 36.92 20.71 33.07
CA VAL B 256 36.57 19.99 31.85
C VAL B 256 35.43 20.74 31.13
N LYS B 257 35.74 21.18 29.92
CA LYS B 257 34.73 21.74 29.04
C LYS B 257 34.19 20.58 28.24
N ILE B 258 32.88 20.43 28.21
CA ILE B 258 32.24 19.41 27.38
C ILE B 258 31.40 20.08 26.31
N GLY B 259 31.74 19.80 25.04
CA GLY B 259 30.94 20.27 23.92
C GLY B 259 30.23 19.09 23.28
N LYS B 260 28.93 19.23 23.05
CA LYS B 260 28.18 18.20 22.34
C LYS B 260 27.47 18.74 21.09
N LEU B 261 27.62 18.02 19.98
CA LEU B 261 26.98 18.36 18.73
C LEU B 261 26.12 17.19 18.23
N ASN B 262 24.81 17.42 18.18
CA ASN B 262 23.85 16.47 17.59
C ASN B 262 23.58 16.86 16.15
N LEU B 263 23.73 15.90 15.26
CA LEU B 263 23.49 16.09 13.84
C LEU B 263 22.41 15.10 13.46
N VAL B 264 21.27 15.63 13.07
CA VAL B 264 20.03 14.86 12.98
C VAL B 264 19.44 14.91 11.56
N ASP B 265 19.15 13.73 11.02
CA ASP B 265 18.62 13.58 9.71
C ASP B 265 17.21 13.00 9.89
N LEU B 266 16.21 13.87 9.83
CA LEU B 266 14.82 13.54 10.18
C LEU B 266 14.16 12.66 9.13
N ALA B 267 13.12 11.92 9.54
CA ALA B 267 12.26 11.23 8.58
C ALA B 267 11.64 12.20 7.57
N GLY B 268 11.39 11.73 6.35
CA GLY B 268 10.74 12.51 5.32
C GLY B 268 9.49 13.22 5.82
N SER B 269 9.40 14.52 5.55
CA SER B 269 8.28 15.31 6.02
C SER B 269 6.93 14.95 5.35
N GLU B 270 6.97 14.31 4.18
CA GLU B 270 5.73 14.09 3.40
C GLU B 270 4.64 13.32 4.13
N ASN B 289 4.94 7.00 12.59
CA ASN B 289 5.17 8.42 12.39
CA ASN B 289 4.83 8.43 12.38
C ASN B 289 4.97 9.25 13.66
N GLN B 290 4.94 8.56 14.81
CA GLN B 290 4.76 9.23 16.09
C GLN B 290 5.78 10.33 16.35
N SER B 291 7.04 10.07 16.03
CA SER B 291 8.08 11.05 16.31
C SER B 291 7.97 12.33 15.48
N LEU B 292 7.75 12.17 14.17
CA LEU B 292 7.58 13.31 13.30
C LEU B 292 6.30 14.08 13.68
N LEU B 293 5.22 13.33 13.92
CA LEU B 293 3.95 13.91 14.38
C LEU B 293 4.15 14.76 15.63
N THR B 294 4.78 14.17 16.64
CA THR B 294 5.00 14.88 17.90
C THR B 294 5.91 16.09 17.74
N LEU B 295 6.94 15.96 16.89
CA LEU B 295 7.83 17.09 16.63
C LEU B 295 7.06 18.33 16.13
N GLY B 296 6.14 18.12 15.20
CA GLY B 296 5.27 19.20 14.72
C GLY B 296 4.46 19.82 15.83
N ARG B 297 3.89 19.00 16.70
CA ARG B 297 3.13 19.51 17.83
C ARG B 297 4.03 20.27 18.79
N VAL B 298 5.20 19.71 19.08
CA VAL B 298 6.16 20.40 19.93
C VAL B 298 6.51 21.75 19.33
N ILE B 299 6.84 21.76 18.05
CA ILE B 299 7.21 23.02 17.39
C ILE B 299 6.06 24.05 17.46
N THR B 300 4.84 23.60 17.17
CA THR B 300 3.67 24.47 17.27
C THR B 300 3.54 25.03 18.69
N ALA B 301 3.63 24.15 19.68
CA ALA B 301 3.50 24.56 21.08
C ALA B 301 4.57 25.55 21.49
N LEU B 302 5.77 25.40 20.94
CA LEU B 302 6.84 26.35 21.22
C LEU B 302 6.56 27.69 20.52
N VAL B 303 5.96 27.63 19.35
CA VAL B 303 5.66 28.82 18.58
C VAL B 303 4.53 29.62 19.21
N GLU B 304 3.47 28.92 19.59
CA GLU B 304 2.31 29.58 20.20
C GLU B 304 2.56 29.94 21.67
N ARG B 305 3.68 29.48 22.22
CA ARG B 305 4.03 29.77 23.62
C ARG B 305 3.04 29.14 24.60
N THR B 306 2.61 27.94 24.30
CA THR B 306 1.77 27.21 25.20
C THR B 306 2.51 26.49 26.33
N PRO B 307 1.77 26.18 27.37
CA PRO B 307 2.32 25.64 28.60
C PRO B 307 2.91 24.27 28.50
N HIS B 308 2.20 23.29 28.00
CA HIS B 308 2.77 21.97 28.10
C HIS B 308 3.24 21.31 26.83
N VAL B 309 4.39 21.75 26.34
CA VAL B 309 5.07 21.10 25.23
C VAL B 309 5.15 19.62 25.47
N PRO B 310 4.57 18.83 24.59
CA PRO B 310 4.51 17.38 24.80
C PRO B 310 5.76 16.63 24.34
N TYR B 311 6.91 16.96 24.92
CA TYR B 311 8.16 16.33 24.52
C TYR B 311 8.13 14.83 24.72
N ARG B 312 7.41 14.39 25.74
CA ARG B 312 7.48 13.00 26.19
C ARG B 312 6.69 12.05 25.30
N GLU B 313 5.90 12.60 24.37
CA GLU B 313 5.01 11.78 23.57
C GLU B 313 5.66 11.11 22.34
N SER B 314 6.97 11.27 22.18
CA SER B 314 7.71 10.53 21.15
C SER B 314 9.18 10.41 21.50
N LYS B 315 9.83 9.38 20.96
CA LYS B 315 11.26 9.14 21.19
C LYS B 315 12.11 10.31 20.73
N LEU B 316 11.81 10.81 19.54
CA LEU B 316 12.57 11.91 18.94
C LEU B 316 12.52 13.19 19.80
N THR B 317 11.34 13.57 20.24
CA THR B 317 11.21 14.81 21.00
C THR B 317 11.77 14.68 22.42
N ARG B 318 11.83 13.45 22.94
CA ARG B 318 12.48 13.24 24.23
C ARG B 318 13.99 13.42 24.08
N ILE B 319 14.51 12.92 22.97
CA ILE B 319 15.92 13.05 22.65
C ILE B 319 16.27 14.49 22.33
N LEU B 320 15.34 15.19 21.66
CA LEU B 320 15.57 16.56 21.23
C LEU B 320 15.11 17.61 22.25
N GLN B 321 14.44 17.16 23.32
CA GLN B 321 13.83 18.10 24.26
C GLN B 321 14.81 19.17 24.71
N ASP B 322 15.97 18.72 25.18
CA ASP B 322 17.02 19.60 25.66
C ASP B 322 17.47 20.58 24.58
N SER B 323 17.50 20.13 23.33
CA SER B 323 17.83 21.04 22.23
C SER B 323 16.82 22.17 22.21
N LEU B 324 15.57 21.84 21.91
CA LEU B 324 14.49 22.80 21.85
C LEU B 324 14.20 23.37 23.24
N GLY B 325 13.97 24.67 23.34
CA GLY B 325 13.70 25.30 24.62
C GLY B 325 14.57 24.74 25.73
N GLY B 326 15.83 24.50 25.40
CA GLY B 326 16.84 24.10 26.35
C GLY B 326 17.98 25.05 26.13
N ARG B 327 19.12 24.82 26.75
CA ARG B 327 20.25 25.73 26.56
C ARG B 327 20.92 25.49 25.20
N THR B 328 20.64 24.33 24.60
CA THR B 328 21.23 23.98 23.31
C THR B 328 20.86 25.00 22.23
N ARG B 329 21.86 25.42 21.45
CA ARG B 329 21.59 26.27 20.29
C ARG B 329 21.25 25.40 19.08
N THR B 330 20.09 25.65 18.49
CA THR B 330 19.56 24.80 17.43
C THR B 330 19.55 25.46 16.05
N SER B 331 20.00 24.71 15.05
CA SER B 331 19.83 25.11 13.66
C SER B 331 19.04 24.07 12.86
N ILE B 332 18.16 24.57 12.01
CA ILE B 332 17.40 23.70 11.12
C ILE B 332 17.84 23.98 9.70
N ILE B 333 18.10 22.90 8.95
CA ILE B 333 18.36 23.04 7.52
C ILE B 333 17.15 22.46 6.79
N ALA B 334 16.36 23.32 6.15
CA ALA B 334 15.15 22.85 5.47
C ALA B 334 15.52 22.56 4.03
N THR B 335 15.21 21.37 3.56
CA THR B 335 15.65 20.99 2.22
C THR B 335 14.46 20.96 1.28
N ILE B 336 14.65 21.43 0.05
CA ILE B 336 13.56 21.45 -0.91
C ILE B 336 14.03 21.10 -2.30
N SER B 337 13.08 20.70 -3.14
CA SER B 337 13.26 20.42 -4.56
C SER B 337 12.84 21.67 -5.35
N PRO B 338 13.46 21.91 -6.51
CA PRO B 338 13.10 23.07 -7.34
C PRO B 338 11.87 22.85 -8.23
N ALA B 339 11.37 21.63 -8.29
CA ALA B 339 10.42 21.23 -9.32
C ALA B 339 8.96 21.62 -9.07
N SER B 340 8.32 22.05 -10.15
CA SER B 340 6.90 22.36 -10.16
C SER B 340 6.07 21.24 -9.56
N LEU B 341 6.39 19.99 -9.89
CA LEU B 341 5.62 18.84 -9.38
C LEU B 341 5.45 18.87 -7.84
N ASN B 342 6.52 19.26 -7.14
CA ASN B 342 6.58 19.21 -5.68
C ASN B 342 6.08 20.45 -4.96
N LEU B 343 5.38 21.32 -5.69
CA LEU B 343 4.88 22.59 -5.14
C LEU B 343 4.33 22.52 -3.71
N GLU B 344 3.30 21.70 -3.49
CA GLU B 344 2.65 21.69 -2.17
C GLU B 344 3.57 21.25 -1.04
N GLU B 345 4.38 20.23 -1.28
CA GLU B 345 5.33 19.80 -0.25
C GLU B 345 6.41 20.85 -0.05
N THR B 346 6.82 21.51 -1.13
CA THR B 346 7.85 22.55 -0.97
C THR B 346 7.33 23.68 -0.08
N LEU B 347 6.09 24.14 -0.33
CA LEU B 347 5.46 25.15 0.51
C LEU B 347 5.29 24.69 1.96
N SER B 348 4.87 23.44 2.14
CA SER B 348 4.74 22.87 3.48
CA SER B 348 4.73 22.89 3.49
C SER B 348 6.06 22.94 4.25
N THR B 349 7.16 22.55 3.61
CA THR B 349 8.46 22.60 4.26
C THR B 349 8.83 24.03 4.63
N LEU B 350 8.70 24.93 3.66
CA LEU B 350 9.05 26.31 3.90
C LEU B 350 8.21 26.90 5.03
N GLU B 351 6.91 26.64 5.03
CA GLU B 351 6.05 27.19 6.09
C GLU B 351 6.47 26.60 7.43
N TYR B 352 6.69 25.29 7.46
CA TYR B 352 7.02 24.59 8.70
C TYR B 352 8.33 25.11 9.29
N ALA B 353 9.32 25.32 8.44
CA ALA B 353 10.64 25.70 8.93
C ALA B 353 10.62 27.16 9.33
N HIS B 354 9.93 27.97 8.52
CA HIS B 354 9.95 29.41 8.73
C HIS B 354 9.44 29.81 10.10
N ARG B 355 8.32 29.22 10.51
CA ARG B 355 7.72 29.53 11.80
C ARG B 355 8.69 29.18 12.94
N ALA B 356 9.57 28.21 12.69
CA ALA B 356 10.46 27.76 13.76
C ALA B 356 11.48 28.82 14.11
N LYS B 357 11.63 29.84 13.26
CA LYS B 357 12.54 30.94 13.51
C LYS B 357 12.14 31.76 14.74
N ASN B 358 10.86 31.75 15.07
CA ASN B 358 10.32 32.53 16.19
C ASN B 358 10.58 31.90 17.55
N ILE B 359 11.00 30.64 17.53
CA ILE B 359 11.31 29.94 18.76
C ILE B 359 12.64 30.41 19.33
N LEU B 360 12.68 30.72 20.62
CA LEU B 360 13.93 31.12 21.28
C LEU B 360 14.72 29.94 21.81
N ASN B 361 16.01 29.94 21.61
CA ASN B 361 16.87 28.91 22.13
C ASN B 361 16.82 29.10 23.60
N LYS B 362 17.83 29.71 24.17
CA LYS B 362 17.84 30.04 25.59
C LYS B 362 19.09 29.44 26.22
N PRO B 363 20.24 29.57 25.55
CA PRO B 363 21.44 28.87 25.99
C PRO B 363 22.52 29.82 26.54
N ASN C 18 -33.70 13.19 -20.81
CA ASN C 18 -33.16 12.26 -19.83
C ASN C 18 -31.81 11.67 -20.24
N ILE C 19 -31.18 10.94 -19.32
CA ILE C 19 -29.87 10.37 -19.60
C ILE C 19 -30.00 9.04 -20.34
N GLN C 20 -29.23 8.88 -21.42
CA GLN C 20 -29.09 7.58 -22.05
C GLN C 20 -27.99 6.74 -21.38
N VAL C 21 -28.30 5.50 -21.05
CA VAL C 21 -27.35 4.61 -20.39
C VAL C 21 -27.15 3.33 -21.19
N VAL C 22 -25.90 3.07 -21.58
CA VAL C 22 -25.58 1.83 -22.28
C VAL C 22 -24.50 1.04 -21.52
N VAL C 23 -24.47 -0.27 -21.70
CA VAL C 23 -23.44 -1.11 -21.12
C VAL C 23 -22.59 -1.75 -22.20
N ARG C 24 -21.27 -1.75 -21.99
CA ARG C 24 -20.34 -2.44 -22.90
C ARG C 24 -19.44 -3.43 -22.15
N CYS C 25 -19.55 -4.72 -22.50
CA CYS C 25 -18.73 -5.74 -21.88
C CYS C 25 -17.55 -6.10 -22.77
N ARG C 26 -16.34 -5.96 -22.24
CA ARG C 26 -15.13 -6.29 -22.98
C ARG C 26 -14.95 -7.79 -23.10
N PRO C 27 -14.06 -8.22 -24.01
CA PRO C 27 -13.71 -9.64 -24.16
C PRO C 27 -12.72 -10.07 -23.08
N PHE C 28 -12.69 -11.35 -22.76
CA PHE C 28 -11.65 -11.89 -21.89
C PHE C 28 -10.28 -11.41 -22.37
N ASN C 29 -9.39 -11.17 -21.43
CA ASN C 29 -7.99 -10.88 -21.77
C ASN C 29 -7.09 -12.08 -21.50
N LEU C 30 -5.83 -11.97 -21.91
CA LEU C 30 -4.86 -13.05 -21.79
C LEU C 30 -4.77 -13.66 -20.39
N ALA C 31 -4.65 -12.80 -19.38
CA ALA C 31 -4.49 -13.24 -18.01
C ALA C 31 -5.71 -14.01 -17.53
N GLU C 32 -6.90 -13.53 -17.90
CA GLU C 32 -8.13 -14.22 -17.53
C GLU C 32 -8.19 -15.60 -18.16
N ARG C 33 -7.68 -15.74 -19.38
CA ARG C 33 -7.67 -17.04 -20.03
C ARG C 33 -6.60 -17.92 -19.40
N LYS C 34 -5.47 -17.31 -19.07
CA LYS C 34 -4.41 -18.01 -18.35
C LYS C 34 -4.98 -18.67 -17.10
N ALA C 35 -5.85 -17.94 -16.41
CA ALA C 35 -6.38 -18.38 -15.13
C ALA C 35 -7.73 -19.11 -15.28
N SER C 36 -8.01 -19.57 -16.49
CA SER C 36 -9.23 -20.34 -16.79
C SER C 36 -10.51 -19.67 -16.30
N ALA C 37 -10.60 -18.36 -16.50
CA ALA C 37 -11.74 -17.60 -16.03
C ALA C 37 -13.08 -18.02 -16.66
N HIS C 38 -14.12 -18.12 -15.84
CA HIS C 38 -15.47 -18.36 -16.33
C HIS C 38 -16.16 -17.04 -16.50
N SER C 39 -17.03 -16.93 -17.51
CA SER C 39 -17.86 -15.75 -17.68
C SER C 39 -19.08 -15.83 -16.77
N ILE C 40 -19.52 -14.67 -16.30
CA ILE C 40 -20.74 -14.58 -15.50
C ILE C 40 -21.65 -13.52 -16.12
N VAL C 41 -21.27 -13.05 -17.31
CA VAL C 41 -22.03 -12.01 -18.01
C VAL C 41 -22.57 -12.52 -19.34
N GLU C 42 -23.87 -12.31 -19.54
CA GLU C 42 -24.49 -12.62 -20.82
C GLU C 42 -25.20 -11.37 -21.31
N CYS C 43 -24.76 -10.88 -22.47
CA CYS C 43 -25.36 -9.69 -23.06
C CYS C 43 -26.31 -10.05 -24.20
N ASP C 44 -27.47 -9.40 -24.23
CA ASP C 44 -28.43 -9.60 -25.30
C ASP C 44 -28.81 -8.24 -25.87
N PRO C 45 -28.16 -7.85 -26.98
CA PRO C 45 -28.39 -6.56 -27.65
C PRO C 45 -29.85 -6.39 -28.03
N VAL C 46 -30.43 -7.42 -28.61
CA VAL C 46 -31.84 -7.36 -29.02
C VAL C 46 -32.72 -6.97 -27.83
N ARG C 47 -32.63 -7.72 -26.73
CA ARG C 47 -33.44 -7.42 -25.56
C ARG C 47 -32.90 -6.26 -24.71
N LYS C 48 -31.71 -5.76 -25.07
CA LYS C 48 -31.03 -4.72 -24.29
C LYS C 48 -30.89 -5.15 -22.82
N GLU C 49 -30.53 -6.42 -22.64
CA GLU C 49 -30.39 -6.96 -21.31
C GLU C 49 -28.97 -7.41 -21.04
N VAL C 50 -28.57 -7.25 -19.78
CA VAL C 50 -27.35 -7.87 -19.26
C VAL C 50 -27.76 -8.81 -18.15
N SER C 51 -27.38 -10.07 -18.27
CA SER C 51 -27.72 -11.10 -17.29
C SER C 51 -26.44 -11.54 -16.54
N VAL C 52 -26.43 -11.39 -15.21
CA VAL C 52 -25.23 -11.74 -14.43
C VAL C 52 -25.43 -13.03 -13.64
N ARG C 53 -24.51 -13.97 -13.81
CA ARG C 53 -24.52 -15.21 -13.04
C ARG C 53 -23.93 -14.94 -11.66
N THR C 54 -24.75 -15.01 -10.61
CA THR C 54 -24.40 -14.48 -9.30
C THR C 54 -24.13 -15.51 -8.20
N GLY C 55 -24.34 -16.80 -8.49
CA GLY C 55 -24.39 -17.79 -7.42
C GLY C 55 -23.16 -18.66 -7.32
N GLY C 56 -22.18 -18.39 -8.17
CA GLY C 56 -20.95 -19.16 -8.15
C GLY C 56 -21.17 -20.66 -8.04
N LEU C 57 -20.56 -21.27 -7.03
CA LEU C 57 -20.64 -22.71 -6.84
C LEU C 57 -21.88 -23.12 -6.07
N ALA C 58 -22.45 -22.18 -5.34
CA ALA C 58 -23.47 -22.50 -4.36
C ALA C 58 -24.84 -22.59 -5.00
N ASP C 59 -25.08 -21.79 -6.03
CA ASP C 59 -26.39 -21.79 -6.67
C ASP C 59 -26.25 -21.47 -8.15
N LYS C 60 -26.24 -22.52 -8.94
CA LYS C 60 -25.97 -22.44 -10.36
C LYS C 60 -27.05 -21.70 -11.15
N SER C 61 -28.22 -21.52 -10.54
CA SER C 61 -29.36 -20.95 -11.27
C SER C 61 -29.57 -19.45 -11.03
N SER C 62 -29.00 -18.91 -9.96
CA SER C 62 -29.14 -17.48 -9.66
C SER C 62 -28.72 -16.57 -10.82
N ARG C 63 -29.53 -15.54 -11.08
CA ARG C 63 -29.25 -14.57 -12.12
C ARG C 63 -29.79 -13.21 -11.71
N LYS C 64 -29.01 -12.17 -11.98
CA LYS C 64 -29.54 -10.81 -11.90
C LYS C 64 -29.60 -10.27 -13.31
N THR C 65 -30.69 -9.61 -13.66
CA THR C 65 -30.89 -9.12 -15.02
C THR C 65 -31.08 -7.60 -15.02
N TYR C 66 -30.33 -6.90 -15.87
CA TYR C 66 -30.52 -5.46 -16.00
C TYR C 66 -30.91 -5.10 -17.42
N THR C 67 -31.69 -4.04 -17.55
CA THR C 67 -32.17 -3.60 -18.85
C THR C 67 -31.70 -2.18 -19.13
N PHE C 68 -31.06 -1.97 -20.27
CA PHE C 68 -30.56 -0.65 -20.60
C PHE C 68 -31.02 -0.11 -21.97
N ASP C 69 -30.69 1.15 -22.23
CA ASP C 69 -30.98 1.77 -23.52
C ASP C 69 -30.30 1.03 -24.65
N MET C 70 -29.13 0.46 -24.37
CA MET C 70 -28.40 -0.35 -25.32
C MET C 70 -27.43 -1.30 -24.61
N VAL C 71 -27.14 -2.44 -25.24
CA VAL C 71 -26.15 -3.37 -24.70
C VAL C 71 -25.16 -3.88 -25.76
N PHE C 72 -23.87 -3.64 -25.53
CA PHE C 72 -22.83 -4.11 -26.42
C PHE C 72 -22.03 -5.26 -25.79
N GLY C 73 -21.93 -6.38 -26.51
CA GLY C 73 -21.25 -7.55 -26.00
C GLY C 73 -19.78 -7.50 -26.32
N ALA C 74 -19.07 -8.56 -25.92
CA ALA C 74 -17.62 -8.62 -26.05
C ALA C 74 -17.12 -8.46 -27.48
N SER C 75 -18.00 -8.71 -28.45
CA SER C 75 -17.57 -8.70 -29.85
C SER C 75 -17.75 -7.33 -30.52
N THR C 76 -18.36 -6.39 -29.81
CA THR C 76 -18.73 -5.10 -30.40
C THR C 76 -17.50 -4.31 -30.91
N LYS C 77 -17.63 -3.80 -32.14
CA LYS C 77 -16.55 -3.05 -32.78
C LYS C 77 -16.59 -1.58 -32.39
N GLN C 78 -15.41 -0.95 -32.37
CA GLN C 78 -15.32 0.46 -32.02
C GLN C 78 -16.31 1.28 -32.85
N ILE C 79 -16.27 1.10 -34.17
CA ILE C 79 -17.08 1.93 -35.06
C ILE C 79 -18.59 1.82 -34.77
N ASP C 80 -19.02 0.63 -34.36
CA ASP C 80 -20.43 0.44 -34.01
C ASP C 80 -20.81 1.18 -32.73
N VAL C 81 -19.91 1.22 -31.75
CA VAL C 81 -20.16 2.02 -30.56
C VAL C 81 -20.31 3.47 -30.98
N TYR C 82 -19.44 3.92 -31.87
CA TYR C 82 -19.53 5.28 -32.36
C TYR C 82 -20.84 5.54 -33.10
N ARG C 83 -21.16 4.72 -34.09
CA ARG C 83 -22.37 4.93 -34.90
C ARG C 83 -23.64 4.98 -34.05
N SER C 84 -23.80 4.04 -33.12
CA SER C 84 -25.05 3.99 -32.36
C SER C 84 -25.13 5.00 -31.21
N VAL C 85 -24.01 5.33 -30.59
CA VAL C 85 -24.06 6.20 -29.43
C VAL C 85 -23.78 7.66 -29.77
N VAL C 86 -22.73 7.88 -30.53
CA VAL C 86 -22.23 9.23 -30.75
C VAL C 86 -23.05 9.99 -31.80
N CYS C 87 -23.24 9.39 -32.98
CA CYS C 87 -23.87 10.10 -34.09
C CYS C 87 -25.09 10.95 -33.71
N PRO C 88 -26.11 10.34 -33.09
CA PRO C 88 -27.28 11.14 -32.71
C PRO C 88 -26.87 12.33 -31.86
N ILE C 89 -25.89 12.11 -30.99
CA ILE C 89 -25.37 13.16 -30.11
C ILE C 89 -24.60 14.22 -30.90
N LEU C 90 -23.77 13.80 -31.84
CA LEU C 90 -23.03 14.75 -32.65
C LEU C 90 -23.97 15.64 -33.47
N ASP C 91 -25.15 15.11 -33.83
CA ASP C 91 -26.15 15.90 -34.55
C ASP C 91 -26.69 17.03 -33.69
N GLU C 92 -26.97 16.72 -32.42
CA GLU C 92 -27.45 17.74 -31.49
C GLU C 92 -26.40 18.83 -31.29
N VAL C 93 -25.14 18.43 -31.15
CA VAL C 93 -24.05 19.38 -30.98
C VAL C 93 -24.00 20.34 -32.18
N ILE C 94 -24.05 19.78 -33.39
CA ILE C 94 -24.02 20.58 -34.62
C ILE C 94 -25.16 21.61 -34.64
N MET C 95 -26.29 21.25 -34.04
CA MET C 95 -27.41 22.17 -33.88
C MET C 95 -27.19 23.19 -32.77
N GLY C 96 -25.97 23.27 -32.27
CA GLY C 96 -25.60 24.26 -31.28
C GLY C 96 -25.96 23.97 -29.82
N TYR C 97 -25.85 22.72 -29.40
CA TYR C 97 -26.07 22.38 -27.99
C TYR C 97 -24.82 21.79 -27.31
N ASN C 98 -24.87 21.72 -25.98
CA ASN C 98 -23.76 21.19 -25.18
C ASN C 98 -24.03 19.77 -24.69
N CYS C 99 -23.25 18.81 -25.15
CA CYS C 99 -23.49 17.42 -24.76
C CYS C 99 -22.26 16.77 -24.11
N THR C 100 -22.51 15.81 -23.22
CA THR C 100 -21.42 15.05 -22.60
C THR C 100 -21.65 13.55 -22.73
N ILE C 101 -20.58 12.83 -23.05
CA ILE C 101 -20.58 11.38 -22.98
C ILE C 101 -19.53 10.92 -21.96
N PHE C 102 -19.96 10.13 -20.99
CA PHE C 102 -19.08 9.56 -19.98
C PHE C 102 -18.76 8.10 -20.28
N ALA C 103 -17.58 7.65 -19.88
CA ALA C 103 -17.29 6.23 -19.76
C ALA C 103 -17.07 5.91 -18.27
N TYR C 104 -17.82 4.95 -17.74
CA TYR C 104 -17.81 4.64 -16.31
C TYR C 104 -17.62 3.15 -16.04
N GLY C 105 -16.81 2.81 -15.04
CA GLY C 105 -16.54 1.42 -14.70
C GLY C 105 -15.18 1.16 -14.06
N GLN C 106 -14.97 -0.07 -13.61
CA GLN C 106 -13.75 -0.38 -12.88
C GLN C 106 -12.54 -0.30 -13.79
N THR C 107 -11.39 0.06 -13.21
CA THR C 107 -10.16 0.09 -13.96
C THR C 107 -10.00 -1.24 -14.65
N GLY C 108 -9.56 -1.20 -15.92
CA GLY C 108 -9.34 -2.41 -16.70
C GLY C 108 -10.51 -2.91 -17.54
N THR C 109 -11.66 -2.25 -17.47
CA THR C 109 -12.82 -2.73 -18.22
C THR C 109 -13.03 -2.12 -19.62
N GLY C 110 -12.28 -1.08 -19.98
CA GLY C 110 -12.37 -0.52 -21.32
C GLY C 110 -12.87 0.92 -21.43
N LYS C 111 -12.72 1.71 -20.36
CA LYS C 111 -13.11 3.10 -20.42
C LYS C 111 -12.27 3.87 -21.44
N THR C 112 -10.95 3.83 -21.29
CA THR C 112 -10.08 4.56 -22.21
C THR C 112 -10.11 3.98 -23.62
N PHE C 113 -10.31 2.67 -23.69
CA PHE C 113 -10.48 1.99 -24.95
C PHE C 113 -11.71 2.54 -25.66
N THR C 114 -12.76 2.75 -24.90
CA THR C 114 -14.00 3.26 -25.46
C THR C 114 -13.88 4.73 -25.86
N MET C 115 -13.34 5.57 -24.96
CA MET C 115 -13.28 7.01 -25.20
C MET C 115 -12.19 7.46 -26.18
N GLU C 116 -11.04 6.79 -26.17
CA GLU C 116 -9.94 7.20 -27.01
C GLU C 116 -9.55 6.12 -28.00
N GLY C 117 -9.62 4.87 -27.54
CA GLY C 117 -9.18 3.73 -28.32
C GLY C 117 -7.67 3.55 -28.23
N GLU C 118 -7.11 2.84 -29.21
CA GLU C 118 -5.69 2.55 -29.22
C GLU C 118 -5.20 2.58 -30.66
N ARG C 119 -3.88 2.61 -30.84
CA ARG C 119 -3.30 2.71 -32.16
C ARG C 119 -2.71 1.39 -32.63
N SER C 120 -3.32 0.78 -33.65
CA SER C 120 -2.84 -0.50 -34.19
C SER C 120 -1.36 -0.43 -34.53
N PRO C 121 -0.61 -1.45 -34.13
CA PRO C 121 0.82 -1.50 -34.35
C PRO C 121 1.22 -1.35 -35.78
N ASN C 122 2.47 -0.95 -35.98
CA ASN C 122 2.93 -0.64 -37.30
C ASN C 122 2.11 0.52 -37.82
N GLU C 123 1.87 0.54 -39.12
CA GLU C 123 0.97 1.56 -39.64
C GLU C 123 0.00 1.03 -40.67
N GLU C 124 -0.56 -0.12 -40.38
CA GLU C 124 -1.43 -0.79 -41.32
C GLU C 124 -2.60 0.08 -41.74
N TYR C 125 -3.14 0.86 -40.80
CA TYR C 125 -4.22 1.79 -41.13
C TYR C 125 -3.82 3.23 -40.78
N THR C 126 -4.56 4.18 -41.33
CA THR C 126 -4.44 5.57 -40.94
C THR C 126 -5.32 5.79 -39.71
N TRP C 127 -5.00 6.80 -38.90
CA TRP C 127 -5.76 7.02 -37.68
C TRP C 127 -7.26 7.05 -37.95
N GLU C 128 -7.67 7.57 -39.10
CA GLU C 128 -9.09 7.67 -39.46
CA GLU C 128 -9.09 7.67 -39.45
C GLU C 128 -9.69 6.30 -39.77
N GLU C 129 -8.85 5.37 -40.15
CA GLU C 129 -9.31 4.06 -40.54
C GLU C 129 -9.09 3.01 -39.45
N ASP C 130 -8.01 3.13 -38.69
CA ASP C 130 -7.69 2.28 -37.54
C ASP C 130 -8.93 1.79 -36.79
N PRO C 131 -9.10 0.50 -36.72
CA PRO C 131 -10.29 -0.07 -36.13
C PRO C 131 -10.24 -0.04 -34.61
N LEU C 132 -9.09 0.26 -34.06
CA LEU C 132 -8.92 0.39 -32.62
C LEU C 132 -9.21 1.80 -32.13
N ALA C 133 -9.29 2.76 -33.06
CA ALA C 133 -9.59 4.15 -32.70
C ALA C 133 -10.93 4.22 -31.97
N GLY C 134 -10.97 5.02 -30.91
CA GLY C 134 -12.18 5.18 -30.12
C GLY C 134 -13.01 6.39 -30.48
N ILE C 135 -13.84 6.81 -29.52
CA ILE C 135 -14.84 7.85 -29.76
C ILE C 135 -14.25 9.23 -30.11
N ILE C 136 -13.14 9.59 -29.46
CA ILE C 136 -12.61 10.94 -29.62
C ILE C 136 -12.12 11.21 -31.03
N PRO C 137 -11.25 10.35 -31.57
CA PRO C 137 -10.70 10.55 -32.91
C PRO C 137 -11.77 10.44 -34.00
N ARG C 138 -12.72 9.53 -33.81
CA ARG C 138 -13.80 9.35 -34.78
C ARG C 138 -14.67 10.58 -34.82
N THR C 139 -14.98 11.10 -33.64
CA THR C 139 -15.81 12.29 -33.51
C THR C 139 -15.15 13.45 -34.24
N LEU C 140 -13.84 13.58 -34.10
CA LEU C 140 -13.16 14.71 -34.73
C LEU C 140 -13.18 14.52 -36.24
N HIS C 141 -12.84 13.31 -36.68
CA HIS C 141 -12.82 13.00 -38.10
C HIS C 141 -14.17 13.32 -38.74
N GLN C 142 -15.24 12.92 -38.08
CA GLN C 142 -16.58 13.09 -38.59
C GLN C 142 -17.06 14.55 -38.58
N ILE C 143 -16.66 15.32 -37.59
CA ILE C 143 -17.05 16.72 -37.54
C ILE C 143 -16.64 17.41 -38.84
N PHE C 144 -15.39 17.21 -39.24
CA PHE C 144 -14.91 17.82 -40.47
C PHE C 144 -15.63 17.29 -41.72
N GLU C 145 -15.85 15.98 -41.82
CA GLU C 145 -16.60 15.42 -42.94
C GLU C 145 -17.98 16.06 -43.04
N LYS C 146 -18.75 15.98 -41.97
CA LYS C 146 -20.11 16.50 -41.92
C LYS C 146 -20.22 17.99 -42.24
N LEU C 147 -19.20 18.76 -41.85
CA LEU C 147 -19.26 20.22 -42.00
C LEU C 147 -18.46 20.75 -43.20
N THR C 148 -17.50 19.97 -43.68
CA THR C 148 -16.63 20.42 -44.76
C THR C 148 -17.29 20.28 -46.13
N ASP C 149 -18.27 19.39 -46.24
CA ASP C 149 -19.05 19.28 -47.47
C ASP C 149 -20.47 19.78 -47.26
N ASN C 150 -20.72 20.36 -46.09
CA ASN C 150 -22.06 20.80 -45.72
C ASN C 150 -22.40 22.19 -46.27
N GLY C 151 -21.41 23.04 -46.44
CA GLY C 151 -21.66 24.41 -46.84
C GLY C 151 -21.05 25.45 -45.92
N THR C 152 -21.83 25.88 -44.94
CA THR C 152 -21.43 26.62 -43.74
C THR C 152 -19.97 26.85 -43.41
N GLU C 153 -19.67 28.06 -42.97
CA GLU C 153 -18.37 28.37 -42.38
C GLU C 153 -18.33 27.91 -40.94
N PHE C 154 -17.29 27.17 -40.57
CA PHE C 154 -17.22 26.66 -39.21
C PHE C 154 -15.81 26.68 -38.63
N SER C 155 -15.76 26.62 -37.31
CA SER C 155 -14.51 26.67 -36.56
C SER C 155 -14.48 25.51 -35.56
N VAL C 156 -13.33 24.86 -35.42
CA VAL C 156 -13.18 23.77 -34.46
C VAL C 156 -12.01 23.96 -33.50
N LYS C 157 -12.29 23.91 -32.20
CA LYS C 157 -11.19 23.96 -31.23
C LYS C 157 -11.34 22.87 -30.18
N VAL C 158 -10.20 22.39 -29.67
CA VAL C 158 -10.21 21.30 -28.72
C VAL C 158 -9.43 21.63 -27.47
N SER C 159 -9.83 21.03 -26.35
CA SER C 159 -9.04 21.07 -25.13
C SER C 159 -9.07 19.71 -24.47
N LEU C 160 -8.00 19.36 -23.78
CA LEU C 160 -7.93 18.08 -23.05
C LEU C 160 -7.26 18.30 -21.70
N LEU C 161 -8.03 18.22 -20.62
CA LEU C 161 -7.49 18.43 -19.29
C LEU C 161 -7.76 17.20 -18.44
N GLU C 162 -7.04 17.06 -17.34
CA GLU C 162 -7.24 15.91 -16.48
C GLU C 162 -7.33 16.33 -15.02
N ILE C 163 -8.18 15.63 -14.28
CA ILE C 163 -8.40 15.92 -12.88
C ILE C 163 -7.78 14.80 -12.07
N TYR C 164 -6.80 15.14 -11.25
CA TYR C 164 -6.12 14.15 -10.43
C TYR C 164 -5.96 14.69 -9.04
N ASN C 165 -6.67 14.09 -8.08
CA ASN C 165 -6.59 14.55 -6.71
C ASN C 165 -7.08 16.00 -6.65
N GLU C 166 -8.18 16.26 -7.37
CA GLU C 166 -8.72 17.61 -7.52
C GLU C 166 -7.70 18.66 -7.99
N GLU C 167 -6.60 18.20 -8.59
CA GLU C 167 -5.69 19.12 -9.27
C GLU C 167 -5.97 19.05 -10.74
N LEU C 168 -5.68 20.13 -11.46
CA LEU C 168 -6.04 20.20 -12.87
C LEU C 168 -4.82 20.32 -13.76
N PHE C 169 -4.65 19.36 -14.66
CA PHE C 169 -3.51 19.38 -15.55
C PHE C 169 -3.92 19.58 -17.03
N ASP C 170 -3.12 20.33 -17.77
CA ASP C 170 -3.43 20.69 -19.16
C ASP C 170 -2.57 19.88 -20.13
N LEU C 171 -3.16 18.86 -20.75
CA LEU C 171 -2.39 17.96 -21.63
C LEU C 171 -1.98 18.57 -22.97
N LEU C 172 -2.68 19.62 -23.41
CA LEU C 172 -2.37 20.21 -24.71
C LEU C 172 -1.57 21.50 -24.59
N ASN C 173 -1.24 21.87 -23.36
CA ASN C 173 -0.53 23.11 -23.08
C ASN C 173 0.89 23.13 -23.67
N PRO C 174 1.29 24.28 -24.21
CA PRO C 174 2.64 24.46 -24.75
C PRO C 174 3.69 24.32 -23.66
N SER C 175 3.31 24.52 -22.40
CA SER C 175 4.26 24.31 -21.32
C SER C 175 4.80 22.89 -21.36
N SER C 176 6.12 22.75 -21.34
CA SER C 176 6.73 21.44 -21.43
C SER C 176 6.58 20.61 -20.15
N ASP C 177 6.26 21.26 -19.03
CA ASP C 177 6.07 20.56 -17.76
C ASP C 177 4.60 20.25 -17.52
N VAL C 178 4.22 19.00 -17.68
CA VAL C 178 2.81 18.65 -17.56
C VAL C 178 2.26 18.94 -16.15
N SER C 179 3.15 19.18 -15.18
CA SER C 179 2.67 19.37 -13.81
C SER C 179 2.21 20.81 -13.49
N GLU C 180 2.38 21.75 -14.43
CA GLU C 180 1.85 23.11 -14.22
C GLU C 180 0.32 23.05 -14.13
N ARG C 181 -0.25 23.57 -13.04
CA ARG C 181 -1.66 23.35 -12.75
C ARG C 181 -2.57 24.49 -13.22
N LEU C 182 -3.75 24.12 -13.70
CA LEU C 182 -4.81 25.08 -14.02
C LEU C 182 -5.51 25.47 -12.76
N GLN C 183 -6.31 26.54 -12.85
CA GLN C 183 -7.22 26.88 -11.77
C GLN C 183 -8.60 27.12 -12.37
N MET C 184 -9.61 27.12 -11.52
CA MET C 184 -10.98 27.18 -11.99
C MET C 184 -11.77 28.29 -11.28
N PHE C 185 -12.43 29.14 -12.06
CA PHE C 185 -13.29 30.21 -11.52
C PHE C 185 -14.66 30.27 -12.21
N ASP C 186 -15.64 30.86 -11.52
CA ASP C 186 -16.97 31.09 -12.10
C ASP C 186 -16.92 32.01 -13.30
N ASP C 187 -17.64 31.66 -14.36
CA ASP C 187 -17.75 32.52 -15.52
C ASP C 187 -18.79 33.59 -15.20
N PRO C 188 -18.34 34.85 -15.05
CA PRO C 188 -19.23 35.93 -14.64
C PRO C 188 -20.40 36.07 -15.60
N ARG C 189 -20.17 35.69 -16.86
CA ARG C 189 -21.18 35.83 -17.89
C ARG C 189 -22.01 34.55 -18.09
N ASN C 190 -21.69 33.52 -17.30
CA ASN C 190 -22.44 32.26 -17.33
C ASN C 190 -22.49 31.57 -15.97
N LYS C 191 -23.64 31.69 -15.29
CA LYS C 191 -23.80 31.21 -13.93
C LYS C 191 -23.66 29.69 -13.83
N ARG C 192 -23.89 29.01 -14.94
CA ARG C 192 -23.75 27.56 -14.99
C ARG C 192 -22.40 27.12 -15.56
N GLY C 193 -21.53 28.10 -15.81
CA GLY C 193 -20.24 27.82 -16.41
C GLY C 193 -19.06 28.23 -15.55
N VAL C 194 -17.87 27.82 -15.98
CA VAL C 194 -16.64 28.20 -15.29
C VAL C 194 -15.58 28.57 -16.30
N ILE C 195 -14.56 29.29 -15.83
CA ILE C 195 -13.40 29.63 -16.63
C ILE C 195 -12.24 28.74 -16.18
N ILE C 196 -11.67 27.98 -17.10
CA ILE C 196 -10.48 27.20 -16.79
C ILE C 196 -9.23 28.00 -17.10
N LYS C 197 -8.76 28.76 -16.10
CA LYS C 197 -7.66 29.69 -16.27
C LYS C 197 -6.35 28.98 -16.64
N GLY C 198 -5.80 29.32 -17.80
CA GLY C 198 -4.58 28.70 -18.26
C GLY C 198 -4.81 27.68 -19.35
N LEU C 199 -6.06 27.27 -19.55
CA LEU C 199 -6.39 26.17 -20.46
C LEU C 199 -6.08 26.47 -21.92
N GLU C 200 -5.37 25.55 -22.55
CA GLU C 200 -5.00 25.70 -23.96
C GLU C 200 -6.12 25.14 -24.83
N GLU C 201 -6.75 26.01 -25.60
CA GLU C 201 -7.72 25.58 -26.62
C GLU C 201 -7.07 25.73 -27.98
N ILE C 202 -6.79 24.59 -28.61
CA ILE C 202 -6.12 24.57 -29.90
C ILE C 202 -7.12 24.57 -31.04
N THR C 203 -6.91 25.48 -31.99
CA THR C 203 -7.74 25.50 -33.18
C THR C 203 -7.29 24.41 -34.13
N VAL C 204 -8.21 23.52 -34.48
CA VAL C 204 -7.91 22.47 -35.44
C VAL C 204 -8.48 22.90 -36.80
N HIS C 205 -7.59 23.29 -37.70
CA HIS C 205 -7.99 23.89 -38.96
C HIS C 205 -8.53 22.87 -39.97
N ASN C 206 -7.92 21.71 -40.02
CA ASN C 206 -8.38 20.62 -40.89
C ASN C 206 -8.06 19.28 -40.23
N LYS C 207 -8.60 18.19 -40.78
CA LYS C 207 -8.42 16.89 -40.16
C LYS C 207 -6.95 16.45 -40.13
N ASP C 208 -6.11 17.02 -40.99
CA ASP C 208 -4.70 16.65 -41.02
C ASP C 208 -3.90 17.26 -39.86
N GLU C 209 -4.58 18.00 -38.99
CA GLU C 209 -3.93 18.56 -37.80
C GLU C 209 -4.32 17.77 -36.53
N VAL C 210 -5.36 16.96 -36.63
CA VAL C 210 -5.89 16.22 -35.49
C VAL C 210 -4.86 15.32 -34.80
N TYR C 211 -4.25 14.42 -35.56
CA TYR C 211 -3.46 13.35 -34.99
C TYR C 211 -2.28 13.82 -34.14
N GLN C 212 -1.58 14.85 -34.60
CA GLN C 212 -0.40 15.33 -33.88
C GLN C 212 -0.77 16.01 -32.57
N ILE C 213 -1.94 16.64 -32.54
CA ILE C 213 -2.44 17.24 -31.31
C ILE C 213 -2.74 16.16 -30.29
N LEU C 214 -3.53 15.16 -30.71
CA LEU C 214 -3.87 14.03 -29.85
C LEU C 214 -2.60 13.36 -29.36
N GLU C 215 -1.64 13.22 -30.26
CA GLU C 215 -0.40 12.52 -29.97
C GLU C 215 0.48 13.26 -28.97
N LYS C 216 0.44 14.59 -29.01
CA LYS C 216 1.21 15.40 -28.07
C LYS C 216 0.58 15.35 -26.68
N GLY C 217 -0.74 15.33 -26.64
CA GLY C 217 -1.49 15.22 -25.40
C GLY C 217 -1.25 13.88 -24.72
N ALA C 218 -1.37 12.79 -25.49
CA ALA C 218 -1.08 11.46 -24.97
C ALA C 218 0.35 11.35 -24.45
N ALA C 219 1.27 12.10 -25.05
CA ALA C 219 2.65 12.04 -24.61
C ALA C 219 2.80 12.78 -23.28
N LYS C 220 2.04 13.87 -23.13
CA LYS C 220 2.02 14.61 -21.86
C LYS C 220 1.50 13.73 -20.75
N ARG C 221 0.40 13.00 -21.02
CA ARG C 221 -0.20 12.10 -20.04
C ARG C 221 0.77 11.00 -19.61
N THR C 222 1.48 10.43 -20.58
CA THR C 222 2.48 9.40 -20.32
C THR C 222 3.47 9.90 -19.30
N THR C 223 3.97 11.12 -19.49
CA THR C 223 4.85 11.76 -18.53
C THR C 223 4.18 11.91 -17.17
N ALA C 224 2.95 12.41 -17.15
CA ALA C 224 2.23 12.57 -15.89
C ALA C 224 2.16 11.27 -15.06
N ALA C 225 1.88 10.14 -15.73
CA ALA C 225 1.73 8.85 -15.07
C ALA C 225 3.04 8.40 -14.45
N THR C 226 4.11 9.01 -14.91
CA THR C 226 5.46 8.77 -14.43
C THR C 226 5.71 9.54 -13.13
N LEU C 227 4.88 10.55 -12.90
CA LEU C 227 5.13 11.51 -11.84
C LEU C 227 4.26 11.26 -10.61
N MET C 228 3.11 10.66 -10.83
CA MET C 228 2.07 10.65 -9.81
C MET C 228 1.51 9.24 -9.64
N ASN C 229 1.29 8.86 -8.39
CA ASN C 229 0.90 7.48 -8.09
C ASN C 229 -0.48 7.09 -8.63
N ALA C 230 -0.55 5.97 -9.35
CA ALA C 230 -1.79 5.48 -9.95
C ALA C 230 -2.55 6.58 -10.71
N TYR C 231 -1.83 7.31 -11.54
CA TYR C 231 -2.38 8.51 -12.18
C TYR C 231 -3.55 8.20 -13.12
N SER C 232 -3.35 7.28 -14.05
CA SER C 232 -4.32 7.00 -15.10
CA SER C 232 -4.35 7.05 -15.08
C SER C 232 -5.60 6.36 -14.58
N SER C 233 -5.50 5.65 -13.46
CA SER C 233 -6.66 4.97 -12.89
CA SER C 233 -6.65 4.96 -12.88
C SER C 233 -7.47 5.89 -11.99
N ARG C 234 -6.83 6.93 -11.46
CA ARG C 234 -7.48 7.88 -10.56
C ARG C 234 -7.90 9.17 -11.26
N SER C 235 -7.29 9.45 -12.40
CA SER C 235 -7.55 10.68 -13.11
C SER C 235 -8.91 10.61 -13.81
N HIS C 236 -9.59 11.73 -13.89
CA HIS C 236 -10.67 11.92 -14.86
C HIS C 236 -10.09 12.61 -16.08
N SER C 237 -10.46 12.17 -17.28
CA SER C 237 -10.01 12.84 -18.50
CA SER C 237 -10.00 12.82 -18.50
C SER C 237 -11.17 13.55 -19.17
N VAL C 238 -11.03 14.86 -19.36
CA VAL C 238 -12.10 15.65 -19.99
C VAL C 238 -11.60 16.21 -21.32
N PHE C 239 -12.05 15.60 -22.42
CA PHE C 239 -11.79 16.11 -23.75
C PHE C 239 -12.99 16.94 -24.25
N SER C 240 -12.72 18.15 -24.72
CA SER C 240 -13.79 19.03 -25.15
C SER C 240 -13.61 19.49 -26.57
N VAL C 241 -14.67 19.34 -27.39
CA VAL C 241 -14.69 19.95 -28.73
C VAL C 241 -15.76 21.03 -28.83
N THR C 242 -15.33 22.23 -29.22
CA THR C 242 -16.27 23.31 -29.45
C THR C 242 -16.31 23.62 -30.95
N ILE C 243 -17.52 23.73 -31.48
CA ILE C 243 -17.69 24.06 -32.90
C ILE C 243 -18.38 25.39 -32.99
N HIS C 244 -17.72 26.37 -33.61
CA HIS C 244 -18.39 27.62 -33.95
C HIS C 244 -18.88 27.57 -35.39
N MET C 245 -20.16 27.82 -35.60
CA MET C 245 -20.73 27.79 -36.95
C MET C 245 -21.40 29.13 -37.30
N LYS C 246 -20.97 29.73 -38.41
CA LYS C 246 -21.48 31.03 -38.83
C LYS C 246 -22.43 30.95 -40.02
N GLU C 247 -23.42 31.86 -40.03
CA GLU C 247 -24.32 32.03 -41.18
C GLU C 247 -24.73 33.49 -41.29
N THR C 248 -24.59 34.06 -42.49
CA THR C 248 -25.01 35.44 -42.73
C THR C 248 -26.49 35.51 -43.09
N THR C 249 -27.12 36.62 -42.78
CA THR C 249 -28.49 36.86 -43.20
C THR C 249 -28.46 37.61 -44.51
N ILE C 250 -29.61 37.77 -45.15
CA ILE C 250 -29.69 38.48 -46.42
C ILE C 250 -29.09 39.88 -46.30
N ASP C 251 -29.18 40.46 -45.11
CA ASP C 251 -28.62 41.78 -44.83
C ASP C 251 -27.19 41.81 -44.27
N GLY C 252 -26.47 40.70 -44.37
CA GLY C 252 -25.08 40.68 -43.95
C GLY C 252 -24.83 40.55 -42.46
N GLU C 253 -25.89 40.39 -41.66
CA GLU C 253 -25.72 40.14 -40.24
C GLU C 253 -25.29 38.69 -40.02
N GLU C 254 -24.58 38.44 -38.92
CA GLU C 254 -24.10 37.11 -38.61
C GLU C 254 -24.83 36.47 -37.44
N LEU C 255 -25.06 35.17 -37.55
CA LEU C 255 -25.58 34.39 -36.43
C LEU C 255 -24.71 33.15 -36.22
N VAL C 256 -23.96 33.17 -35.11
CA VAL C 256 -23.13 32.04 -34.73
C VAL C 256 -23.95 31.07 -33.91
N LYS C 257 -23.87 29.79 -34.22
CA LYS C 257 -24.36 28.79 -33.29
C LYS C 257 -23.14 28.03 -32.77
N ILE C 258 -23.16 27.70 -31.48
CA ILE C 258 -22.02 27.03 -30.87
C ILE C 258 -22.44 25.69 -30.30
N GLY C 259 -21.76 24.64 -30.74
CA GLY C 259 -21.96 23.33 -30.17
C GLY C 259 -20.72 22.88 -29.40
N LYS C 260 -20.96 22.19 -28.29
CA LYS C 260 -19.86 21.61 -27.52
C LYS C 260 -20.10 20.14 -27.18
N LEU C 261 -19.08 19.33 -27.38
CA LEU C 261 -19.10 17.93 -26.97
C LEU C 261 -17.99 17.63 -25.95
N ASN C 262 -18.39 17.17 -24.77
CA ASN C 262 -17.44 16.69 -23.75
C ASN C 262 -17.38 15.16 -23.73
N LEU C 263 -16.21 14.63 -24.00
CA LEU C 263 -15.97 13.20 -23.93
C LEU C 263 -15.18 12.91 -22.64
N VAL C 264 -15.84 12.27 -21.68
CA VAL C 264 -15.26 12.11 -20.35
C VAL C 264 -14.94 10.65 -19.99
N ASP C 265 -13.64 10.40 -19.83
CA ASP C 265 -13.11 9.10 -19.39
C ASP C 265 -12.89 9.14 -17.87
N LEU C 266 -13.88 8.69 -17.11
CA LEU C 266 -13.88 8.87 -15.64
C LEU C 266 -12.80 8.08 -14.89
N ALA C 267 -12.53 8.48 -13.66
CA ALA C 267 -11.68 7.67 -12.77
C ALA C 267 -12.29 6.28 -12.55
N GLY C 268 -11.44 5.28 -12.39
CA GLY C 268 -11.91 3.93 -12.07
C GLY C 268 -12.90 3.91 -10.93
N SER C 269 -13.99 3.17 -11.09
CA SER C 269 -15.04 3.13 -10.08
C SER C 269 -14.78 2.15 -8.95
N GLU C 270 -13.69 1.42 -8.98
CA GLU C 270 -13.45 0.38 -7.98
C GLU C 270 -13.30 0.91 -6.56
N ASN C 271 -13.81 0.11 -5.64
CA ASN C 271 -13.81 0.49 -4.24
C ASN C 271 -15.08 1.23 -3.76
N ASN C 289 -11.97 10.41 -7.45
CA ASN C 289 -12.40 10.22 -6.06
C ASN C 289 -13.50 11.18 -5.61
N GLN C 290 -13.13 12.41 -5.26
CA GLN C 290 -14.11 13.43 -4.87
C GLN C 290 -14.98 13.85 -6.06
N SER C 291 -14.36 14.08 -7.20
CA SER C 291 -15.12 14.37 -8.41
C SER C 291 -16.02 13.17 -8.76
N LEU C 292 -15.54 11.97 -8.47
CA LEU C 292 -16.28 10.76 -8.81
C LEU C 292 -17.59 10.63 -8.03
N LEU C 293 -17.51 10.83 -6.71
CA LEU C 293 -18.68 10.70 -5.86
C LEU C 293 -19.67 11.83 -6.10
N THR C 294 -19.14 13.02 -6.33
CA THR C 294 -19.97 14.18 -6.64
C THR C 294 -20.77 13.95 -7.92
N LEU C 295 -20.11 13.45 -8.96
CA LEU C 295 -20.78 13.14 -10.22
C LEU C 295 -21.95 12.21 -9.97
N GLY C 296 -21.74 11.21 -9.12
CA GLY C 296 -22.79 10.27 -8.77
C GLY C 296 -23.96 10.99 -8.15
N ARG C 297 -23.67 11.80 -7.14
CA ARG C 297 -24.70 12.58 -6.47
C ARG C 297 -25.42 13.52 -7.43
N VAL C 298 -24.70 14.05 -8.42
CA VAL C 298 -25.34 14.92 -9.42
C VAL C 298 -26.25 14.14 -10.37
N ILE C 299 -25.82 12.95 -10.77
CA ILE C 299 -26.66 12.10 -11.62
C ILE C 299 -27.88 11.64 -10.82
N THR C 300 -27.63 11.20 -9.59
CA THR C 300 -28.71 10.77 -8.71
C THR C 300 -29.73 11.89 -8.50
N ALA C 301 -29.24 13.12 -8.32
CA ALA C 301 -30.11 14.26 -8.06
C ALA C 301 -30.84 14.72 -9.33
N LEU C 302 -30.14 14.68 -10.47
CA LEU C 302 -30.76 15.03 -11.73
C LEU C 302 -31.86 14.04 -12.06
N VAL C 303 -31.63 12.78 -11.69
CA VAL C 303 -32.49 11.68 -12.10
C VAL C 303 -33.74 11.52 -11.23
N GLU C 304 -33.55 11.44 -9.91
CA GLU C 304 -34.68 11.44 -8.99
C GLU C 304 -35.21 12.86 -8.82
N ARG C 305 -34.62 13.78 -9.57
CA ARG C 305 -35.15 15.13 -9.80
C ARG C 305 -35.10 16.09 -8.60
N THR C 306 -34.24 15.80 -7.62
CA THR C 306 -34.12 16.67 -6.44
C THR C 306 -33.77 18.12 -6.83
N PRO C 307 -34.22 19.10 -6.02
CA PRO C 307 -34.15 20.55 -6.32
C PRO C 307 -32.75 21.11 -6.53
N HIS C 308 -31.85 20.89 -5.58
CA HIS C 308 -30.50 21.46 -5.64
C HIS C 308 -29.47 20.42 -6.09
N VAL C 309 -28.89 20.66 -7.25
CA VAL C 309 -27.91 19.76 -7.80
C VAL C 309 -26.53 20.18 -7.34
N PRO C 310 -25.72 19.20 -6.99
CA PRO C 310 -24.50 19.41 -6.23
C PRO C 310 -23.31 19.78 -7.08
N TYR C 311 -23.54 20.49 -8.14
CA TYR C 311 -22.48 20.79 -9.10
C TYR C 311 -21.22 21.42 -8.46
N ARG C 312 -21.43 22.38 -7.55
CA ARG C 312 -20.32 23.11 -6.96
C ARG C 312 -19.30 22.21 -6.28
N GLU C 313 -19.78 21.06 -5.79
CA GLU C 313 -18.98 20.19 -4.92
C GLU C 313 -17.69 19.60 -5.47
N SER C 314 -17.57 19.46 -6.80
CA SER C 314 -16.33 18.95 -7.35
C SER C 314 -15.84 19.67 -8.59
N LYS C 315 -14.54 19.56 -8.87
CA LYS C 315 -13.99 20.13 -10.09
C LYS C 315 -14.73 19.59 -11.32
N LEU C 316 -15.00 18.27 -11.33
CA LEU C 316 -15.58 17.61 -12.48
C LEU C 316 -17.00 18.07 -12.79
N THR C 317 -17.84 18.14 -11.77
CA THR C 317 -19.22 18.55 -11.99
C THR C 317 -19.34 20.05 -12.24
N ARG C 318 -18.43 20.85 -11.70
CA ARG C 318 -18.40 22.28 -12.04
C ARG C 318 -18.04 22.45 -13.50
N ILE C 319 -17.06 21.69 -13.96
CA ILE C 319 -16.64 21.76 -15.35
C ILE C 319 -17.77 21.37 -16.30
N LEU C 320 -18.52 20.34 -15.94
CA LEU C 320 -19.52 19.78 -16.83
C LEU C 320 -20.94 20.34 -16.64
N GLN C 321 -21.17 21.05 -15.55
CA GLN C 321 -22.48 21.63 -15.29
C GLN C 321 -23.12 22.23 -16.56
N ASP C 322 -22.34 22.97 -17.32
CA ASP C 322 -22.81 23.61 -18.55
C ASP C 322 -23.62 22.66 -19.43
N SER C 323 -23.08 21.46 -19.65
CA SER C 323 -23.66 20.54 -20.61
C SER C 323 -24.58 19.50 -19.99
N LEU C 324 -24.84 19.62 -18.69
CA LEU C 324 -25.72 18.68 -18.00
C LEU C 324 -27.04 19.34 -17.61
N GLY C 325 -28.03 18.53 -17.26
CA GLY C 325 -29.30 19.06 -16.80
C GLY C 325 -30.53 18.45 -17.46
N GLY C 326 -30.36 17.98 -18.70
CA GLY C 326 -31.44 17.32 -19.40
C GLY C 326 -31.93 18.07 -20.63
N ARG C 327 -31.57 19.34 -20.74
CA ARG C 327 -31.89 20.10 -21.94
C ARG C 327 -31.18 19.41 -23.09
N THR C 328 -30.00 18.87 -22.76
CA THR C 328 -29.15 18.24 -23.75
C THR C 328 -29.03 16.74 -23.53
N ARG C 329 -28.68 16.04 -24.60
CA ARG C 329 -28.43 14.61 -24.54
C ARG C 329 -27.18 14.34 -23.72
N THR C 330 -27.31 13.42 -22.77
CA THR C 330 -26.21 12.96 -21.94
C THR C 330 -26.18 11.45 -21.98
N SER C 331 -24.98 10.88 -22.16
CA SER C 331 -24.86 9.43 -22.23
C SER C 331 -23.76 8.87 -21.33
N ILE C 332 -24.07 7.73 -20.71
CA ILE C 332 -23.09 7.01 -19.90
C ILE C 332 -22.87 5.65 -20.51
N ILE C 333 -21.61 5.37 -20.81
CA ILE C 333 -21.19 4.05 -21.26
C ILE C 333 -20.57 3.35 -20.05
N ALA C 334 -21.32 2.43 -19.44
CA ALA C 334 -20.81 1.65 -18.33
C ALA C 334 -20.07 0.44 -18.88
N THR C 335 -18.76 0.38 -18.63
CA THR C 335 -17.95 -0.73 -19.09
C THR C 335 -17.83 -1.79 -18.00
N ILE C 336 -17.97 -3.06 -18.38
CA ILE C 336 -17.81 -4.16 -17.43
C ILE C 336 -16.90 -5.23 -17.99
N SER C 337 -16.46 -6.11 -17.09
CA SER C 337 -15.64 -7.27 -17.44
C SER C 337 -16.56 -8.48 -17.39
N PRO C 338 -16.28 -9.51 -18.21
CA PRO C 338 -17.10 -10.73 -18.20
C PRO C 338 -16.72 -11.73 -17.08
N ALA C 339 -15.55 -11.56 -16.47
CA ALA C 339 -14.99 -12.58 -15.56
C ALA C 339 -15.64 -12.75 -14.19
N SER C 340 -15.71 -14.00 -13.73
CA SER C 340 -16.20 -14.36 -12.40
C SER C 340 -15.45 -13.64 -11.29
N LEU C 341 -14.13 -13.50 -11.42
CA LEU C 341 -13.34 -12.80 -10.41
C LEU C 341 -13.92 -11.42 -10.07
N ASN C 342 -14.44 -10.72 -11.07
CA ASN C 342 -14.91 -9.36 -10.91
C ASN C 342 -16.38 -9.22 -10.54
N LEU C 343 -16.99 -10.31 -10.09
CA LEU C 343 -18.43 -10.28 -9.75
C LEU C 343 -18.88 -9.01 -9.03
N GLU C 344 -18.30 -8.72 -7.86
CA GLU C 344 -18.81 -7.63 -7.03
C GLU C 344 -18.72 -6.25 -7.69
N GLU C 345 -17.62 -5.99 -8.38
CA GLU C 345 -17.46 -4.70 -9.06
C GLU C 345 -18.37 -4.57 -10.27
N THR C 346 -18.56 -5.66 -11.01
CA THR C 346 -19.47 -5.68 -12.14
C THR C 346 -20.90 -5.40 -11.68
N LEU C 347 -21.37 -6.12 -10.66
CA LEU C 347 -22.65 -5.81 -10.06
C LEU C 347 -22.73 -4.36 -9.61
N SER C 348 -21.66 -3.85 -9.00
CA SER C 348 -21.66 -2.46 -8.53
C SER C 348 -21.79 -1.47 -9.70
N THR C 349 -21.05 -1.71 -10.77
CA THR C 349 -21.10 -0.86 -11.95
C THR C 349 -22.51 -0.87 -12.48
N LEU C 350 -23.05 -2.08 -12.65
CA LEU C 350 -24.42 -2.24 -13.13
C LEU C 350 -25.46 -1.52 -12.26
N GLU C 351 -25.37 -1.65 -10.94
CA GLU C 351 -26.29 -0.93 -10.04
C GLU C 351 -26.19 0.59 -10.26
N TYR C 352 -24.96 1.08 -10.41
CA TYR C 352 -24.73 2.48 -10.66
C TYR C 352 -25.47 2.92 -11.91
N ALA C 353 -25.14 2.28 -13.03
CA ALA C 353 -25.79 2.58 -14.30
C ALA C 353 -27.32 2.53 -14.18
N HIS C 354 -27.81 1.53 -13.43
CA HIS C 354 -29.24 1.31 -13.23
C HIS C 354 -29.90 2.44 -12.42
N ARG C 355 -29.15 2.98 -11.46
CA ARG C 355 -29.61 4.07 -10.58
C ARG C 355 -29.64 5.39 -11.35
N ALA C 356 -28.95 5.44 -12.48
CA ALA C 356 -28.87 6.64 -13.30
C ALA C 356 -30.09 6.74 -14.22
N LYS C 357 -30.64 5.59 -14.61
CA LYS C 357 -31.87 5.55 -15.39
C LYS C 357 -32.53 4.20 -15.19
N ASN C 358 -33.56 4.18 -14.35
CA ASN C 358 -34.22 2.93 -13.99
C ASN C 358 -35.11 2.39 -15.11
N ILE C 359 -34.63 1.36 -15.79
CA ILE C 359 -35.42 0.70 -16.83
C ILE C 359 -35.87 -0.66 -16.31
N LEU C 360 -37.18 -0.91 -16.38
CA LEU C 360 -37.72 -2.14 -15.82
C LEU C 360 -37.59 -3.31 -16.79
N ASN C 361 -37.32 -4.50 -16.24
CA ASN C 361 -37.21 -5.71 -17.04
C ASN C 361 -38.56 -6.11 -17.65
N LYS C 362 -38.52 -6.80 -18.78
CA LYS C 362 -39.68 -7.03 -19.61
C LYS C 362 -40.63 -8.13 -19.14
N PRO C 363 -40.14 -9.35 -19.02
CA PRO C 363 -41.01 -10.45 -18.61
C PRO C 363 -40.14 -11.54 -18.05
#